data_7F6E
#
_entry.id   7F6E
#
_cell.length_a   45.270
_cell.length_b   144.250
_cell.length_c   79.150
_cell.angle_alpha   90.000
_cell.angle_beta   100.160
_cell.angle_gamma   90.000
#
_symmetry.space_group_name_H-M   'P 1 21 1'
#
loop_
_entity.id
_entity.type
_entity.pdbx_description
1 polymer 'Iron ABC transporter, periplasmic iron-binding protein'
2 non-polymer 'MAGNESIUM ION'
3 non-polymer 'CITRIC ACID'
4 non-polymer 'CHLORIDE ION'
5 non-polymer 'CARBON DIOXIDE'
6 non-polymer GLYCEROL
7 non-polymer 1,2-ETHANEDIOL
8 non-polymer '(2S)-2-HYDROXYPROPANOIC ACID'
9 non-polymer S-1,2-PROPANEDIOL
10 water water
#
_entity_poly.entity_id   1
_entity_poly.type   'polypeptide(L)'
_entity_poly.pdbx_seq_one_letter_code
;MMQQSRPASDPQVVEAARKEGRLIIYSSTDQSSAQALLDDFRKLYPFIQIEYNDLGTQAIYDRFVSETAAGASSADLLWS
SAMELQVKLASEGYALPYDSPEAKNWPANARLGNLAYSTTLEPAVVVYNKRFLKPEEVPTTREGLARLLQEPRMRGRVAT
WDPERSAVGFTILKADYDRFPAFQELARAFGKAQAALYSSTGAAFEKVISGEHYLAYGFFGSYALLRQRTVKDLGIAYLT
DGTVAIQRVAFINKRAAHPNAAKLFLDYLLSLRGQNLMAYTALIFARRETVVGEATPQALYKAVGGKDKVYAIPVSTEIL
KNLDPAERMRFLTFWRQAVRGQ
;
_entity_poly.pdbx_strand_id   A,B,C
#
loop_
_chem_comp.id
_chem_comp.type
_chem_comp.name
_chem_comp.formula
2OP non-polymer '(2S)-2-HYDROXYPROPANOIC ACID' 'C3 H6 O3'
CIT non-polymer 'CITRIC ACID' 'C6 H8 O7'
CL non-polymer 'CHLORIDE ION' 'Cl -1'
CO2 non-polymer 'CARBON DIOXIDE' 'C O2'
EDO non-polymer 1,2-ETHANEDIOL 'C2 H6 O2'
GOL non-polymer GLYCEROL 'C3 H8 O3'
MG non-polymer 'MAGNESIUM ION' 'Mg 2'
PGO non-polymer S-1,2-PROPANEDIOL 'C3 H8 O2'
#
# COMPACT_ATOMS: atom_id res chain seq x y z
N MET A 1 17.59 26.54 8.02
CA MET A 1 18.61 25.65 7.27
C MET A 1 18.41 25.76 5.74
N MET A 2 19.51 25.70 4.93
CA MET A 2 19.57 25.77 3.42
C MET A 2 19.21 27.16 2.88
N GLN A 3 19.19 28.20 3.72
CA GLN A 3 18.64 29.56 3.36
C GLN A 3 19.54 30.22 2.32
N GLN A 4 20.80 29.78 2.16
CA GLN A 4 21.78 30.37 1.20
C GLN A 4 22.04 29.45 -0.04
N SER A 5 21.36 28.30 -0.18
CA SER A 5 21.68 27.35 -1.27
C SER A 5 21.01 27.87 -2.55
N ARG A 6 21.39 27.36 -3.72
CA ARG A 6 20.82 27.84 -5.01
C ARG A 6 20.16 26.65 -5.68
N PRO A 7 18.88 26.74 -6.10
CA PRO A 7 18.26 25.64 -6.85
C PRO A 7 19.07 25.28 -8.09
N ALA A 8 19.00 24.03 -8.53
CA ALA A 8 19.84 23.51 -9.65
C ALA A 8 19.19 23.75 -11.00
N SER A 9 18.50 24.89 -11.22
CA SER A 9 18.01 25.24 -12.57
C SER A 9 19.20 25.40 -13.52
N ASP A 10 19.06 24.92 -14.75
CA ASP A 10 20.09 25.00 -15.80
C ASP A 10 20.44 26.47 -16.00
N PRO A 11 21.72 26.82 -16.12
CA PRO A 11 22.08 28.22 -16.39
C PRO A 11 21.42 28.83 -17.64
N GLN A 12 21.13 28.06 -18.68
CA GLN A 12 20.45 28.58 -19.89
C GLN A 12 19.01 28.97 -19.53
N VAL A 13 18.38 28.24 -18.60
CA VAL A 13 17.01 28.56 -18.11
C VAL A 13 17.09 29.86 -17.32
N VAL A 14 18.09 30.03 -16.46
CA VAL A 14 18.22 31.29 -15.69
C VAL A 14 18.39 32.48 -16.68
N GLU A 15 19.22 32.31 -17.69
CA GLU A 15 19.50 33.40 -18.68
C GLU A 15 18.21 33.67 -19.46
N ALA A 16 17.47 32.65 -19.82
CA ALA A 16 16.19 32.83 -20.57
C ALA A 16 15.18 33.53 -19.67
N ALA A 17 15.17 33.21 -18.37
CA ALA A 17 14.23 33.85 -17.43
C ALA A 17 14.61 35.33 -17.26
N ARG A 18 15.89 35.65 -17.33
CA ARG A 18 16.32 37.05 -17.21
C ARG A 18 15.75 37.84 -18.41
N LYS A 19 15.78 37.25 -19.60
CA LYS A 19 15.24 37.92 -20.81
C LYS A 19 13.71 38.12 -20.69
N GLU A 20 13.01 37.24 -19.98
CA GLU A 20 11.55 37.37 -19.74
C GLU A 20 11.28 38.50 -18.73
N GLY A 21 11.95 38.41 -17.56
CA GLY A 21 11.94 39.46 -16.55
C GLY A 21 10.68 39.56 -15.72
N ARG A 22 9.73 38.64 -15.91
CA ARG A 22 8.39 38.74 -15.28
CA ARG A 22 8.39 38.74 -15.28
C ARG A 22 7.83 37.34 -15.06
N LEU A 23 7.02 37.20 -14.02
CA LEU A 23 6.42 35.90 -13.65
C LEU A 23 5.00 36.16 -13.14
N ILE A 24 4.00 35.63 -13.83
CA ILE A 24 2.57 35.75 -13.45
C ILE A 24 2.12 34.42 -12.84
N ILE A 25 1.78 34.48 -11.55
CA ILE A 25 1.34 33.31 -10.82
C ILE A 25 -0.18 33.41 -10.59
N TYR A 26 -0.91 32.33 -10.85
CA TYR A 26 -2.28 32.17 -10.33
C TYR A 26 -2.16 31.15 -9.23
N SER A 27 -2.48 31.53 -8.01
CA SER A 27 -2.27 30.63 -6.85
C SER A 27 -3.43 30.71 -5.88
N SER A 28 -3.80 29.59 -5.30
CA SER A 28 -4.73 29.57 -4.18
C SER A 28 -3.98 29.67 -2.84
N THR A 29 -2.65 29.69 -2.81
CA THR A 29 -1.88 29.86 -1.54
C THR A 29 -2.07 31.28 -1.05
N ASP A 30 -2.73 31.43 0.08
CA ASP A 30 -2.97 32.79 0.62
C ASP A 30 -1.65 33.57 0.62
N GLN A 31 -1.71 34.82 0.20
CA GLN A 31 -0.43 35.58 0.04
C GLN A 31 0.25 35.76 1.39
N SER A 32 -0.50 35.81 2.49
CA SER A 32 0.09 35.85 3.85
C SER A 32 1.12 34.71 4.03
N SER A 33 0.80 33.53 3.53
CA SER A 33 1.63 32.32 3.64
C SER A 33 2.67 32.32 2.51
N ALA A 34 2.33 32.78 1.33
CA ALA A 34 3.22 32.72 0.14
C ALA A 34 4.29 33.80 0.21
N GLN A 35 4.07 34.90 0.93
CA GLN A 35 4.92 36.09 0.73
C GLN A 35 6.40 35.82 0.99
N ALA A 36 6.76 35.06 2.03
CA ALA A 36 8.19 34.84 2.29
C ALA A 36 8.84 34.07 1.14
N LEU A 37 8.10 33.18 0.43
CA LEU A 37 8.66 32.45 -0.70
C LEU A 37 8.92 33.45 -1.81
N LEU A 38 7.97 34.34 -2.05
CA LEU A 38 8.10 35.34 -3.14
C LEU A 38 9.32 36.24 -2.84
N ASP A 39 9.48 36.67 -1.61
CA ASP A 39 10.60 37.56 -1.22
C ASP A 39 11.91 36.83 -1.39
N ASP A 40 11.98 35.56 -0.99
CA ASP A 40 13.24 34.80 -1.06
C ASP A 40 13.57 34.49 -2.53
N PHE A 41 12.54 34.22 -3.32
CA PHE A 41 12.79 33.95 -4.76
C PHE A 41 13.38 35.21 -5.40
N ARG A 42 12.84 36.37 -5.09
CA ARG A 42 13.36 37.68 -5.61
C ARG A 42 14.77 37.95 -5.08
N LYS A 43 15.16 37.48 -3.90
CA LYS A 43 16.56 37.60 -3.46
C LYS A 43 17.45 36.80 -4.37
N LEU A 44 17.06 35.59 -4.74
CA LEU A 44 17.83 34.74 -5.67
CA LEU A 44 17.83 34.73 -5.67
C LEU A 44 17.84 35.34 -7.07
N TYR A 45 16.70 35.87 -7.54
CA TYR A 45 16.52 36.32 -8.93
C TYR A 45 15.90 37.70 -8.92
N PRO A 46 16.68 38.74 -8.59
CA PRO A 46 16.12 40.08 -8.43
C PRO A 46 15.65 40.67 -9.77
N PHE A 47 15.99 40.05 -10.86
CA PHE A 47 15.64 40.51 -12.23
C PHE A 47 14.26 39.98 -12.67
N ILE A 48 13.52 39.29 -11.80
CA ILE A 48 12.13 38.85 -12.14
C ILE A 48 11.14 39.63 -11.28
N GLN A 49 10.21 40.32 -11.91
CA GLN A 49 9.06 40.98 -11.27
C GLN A 49 7.95 39.93 -11.10
N ILE A 50 7.44 39.78 -9.90
CA ILE A 50 6.38 38.75 -9.66
C ILE A 50 5.04 39.42 -9.58
N GLU A 51 4.06 38.92 -10.33
CA GLU A 51 2.64 39.30 -10.18
C GLU A 51 1.89 38.13 -9.57
N TYR A 52 1.52 38.27 -8.32
CA TYR A 52 0.91 37.17 -7.54
C TYR A 52 -0.59 37.33 -7.51
N ASN A 53 -1.36 36.45 -8.13
CA ASN A 53 -2.83 36.54 -8.17
C ASN A 53 -3.36 35.50 -7.19
N ASP A 54 -3.73 35.96 -6.01
CA ASP A 54 -4.29 35.14 -4.89
C ASP A 54 -5.78 34.91 -5.20
N LEU A 55 -6.14 33.73 -5.65
CA LEU A 55 -7.45 33.44 -6.24
C LEU A 55 -8.04 32.17 -5.61
N GLY A 56 -9.37 32.07 -5.71
CA GLY A 56 -10.07 30.82 -5.35
C GLY A 56 -9.71 29.69 -6.27
N THR A 57 -9.74 28.46 -5.79
CA THR A 57 -9.37 27.28 -6.58
C THR A 57 -10.26 27.14 -7.81
N GLN A 58 -11.58 27.23 -7.65
CA GLN A 58 -12.45 27.09 -8.83
C GLN A 58 -12.19 28.28 -9.77
N ALA A 59 -11.97 29.48 -9.21
CA ALA A 59 -11.71 30.68 -10.03
C ALA A 59 -10.43 30.52 -10.88
N ILE A 60 -9.38 29.92 -10.34
CA ILE A 60 -8.11 29.72 -11.11
C ILE A 60 -8.44 28.84 -12.33
N TYR A 61 -9.12 27.74 -12.08
CA TYR A 61 -9.51 26.82 -13.17
C TYR A 61 -10.30 27.57 -14.22
N ASP A 62 -11.37 28.22 -13.81
CA ASP A 62 -12.32 28.87 -14.76
C ASP A 62 -11.60 29.97 -15.54
N ARG A 63 -10.81 30.80 -14.85
CA ARG A 63 -10.11 31.92 -15.52
C ARG A 63 -9.06 31.43 -16.50
N PHE A 64 -8.27 30.45 -16.08
CA PHE A 64 -7.21 29.90 -16.94
C PHE A 64 -7.80 29.20 -18.19
N VAL A 65 -8.85 28.42 -18.04
CA VAL A 65 -9.50 27.74 -19.17
C VAL A 65 -10.07 28.82 -20.13
N SER A 66 -10.67 29.84 -19.58
CA SER A 66 -11.35 30.91 -20.37
CA SER A 66 -11.35 30.90 -20.38
C SER A 66 -10.31 31.73 -21.13
N GLU A 67 -9.25 32.14 -20.45
CA GLU A 67 -8.18 32.94 -21.06
C GLU A 67 -7.49 32.14 -22.15
N THR A 68 -7.21 30.88 -21.90
CA THR A 68 -6.56 29.99 -22.87
C THR A 68 -7.47 29.87 -24.11
N ALA A 69 -8.75 29.61 -23.91
CA ALA A 69 -9.71 29.43 -25.03
C ALA A 69 -9.78 30.73 -25.85
N ALA A 70 -9.61 31.89 -25.22
CA ALA A 70 -9.68 33.17 -25.93
C ALA A 70 -8.36 33.54 -26.61
N GLY A 71 -7.28 32.78 -26.41
CA GLY A 71 -5.94 33.09 -26.91
C GLY A 71 -5.32 34.23 -26.13
N ALA A 72 -5.85 34.53 -24.94
CA ALA A 72 -5.60 35.78 -24.16
C ALA A 72 -4.42 35.54 -23.24
N SER A 73 -3.85 36.66 -22.72
CA SER A 73 -2.71 36.67 -21.74
C SER A 73 -3.15 35.85 -20.55
N SER A 74 -2.40 34.76 -20.18
CA SER A 74 -2.79 34.05 -18.96
C SER A 74 -1.56 33.91 -18.02
N ALA A 75 -1.66 33.03 -17.06
CA ALA A 75 -0.63 32.79 -16.04
C ALA A 75 0.59 32.09 -16.65
N ASP A 76 1.76 32.28 -16.05
CA ASP A 76 2.92 31.47 -16.37
C ASP A 76 2.87 30.20 -15.54
N LEU A 77 2.46 30.33 -14.31
CA LEU A 77 2.52 29.17 -13.35
C LEU A 77 1.20 29.13 -12.58
N LEU A 78 0.69 27.91 -12.40
CA LEU A 78 -0.55 27.67 -11.69
C LEU A 78 -0.21 26.87 -10.46
N TRP A 79 -0.65 27.32 -9.27
CA TRP A 79 -0.26 26.69 -8.01
C TRP A 79 -1.50 26.58 -7.12
N SER A 80 -2.05 25.39 -6.95
CA SER A 80 -3.39 25.28 -6.34
C SER A 80 -3.52 24.04 -5.49
N SER A 81 -4.31 24.16 -4.44
CA SER A 81 -4.65 23.05 -3.55
C SER A 81 -5.77 22.16 -4.09
N ALA A 82 -6.52 22.56 -5.11
CA ALA A 82 -7.64 21.74 -5.67
C ALA A 82 -6.96 20.74 -6.58
N MET A 83 -6.56 19.64 -5.98
CA MET A 83 -5.66 18.70 -6.66
C MET A 83 -6.31 18.17 -7.93
N GLU A 84 -7.60 17.83 -7.88
CA GLU A 84 -8.23 17.20 -9.05
C GLU A 84 -8.22 18.22 -10.21
N LEU A 85 -8.51 19.49 -9.94
CA LEU A 85 -8.55 20.52 -11.00
C LEU A 85 -7.16 20.71 -11.61
N GLN A 86 -6.10 20.71 -10.81
CA GLN A 86 -4.73 20.87 -11.33
C GLN A 86 -4.35 19.65 -12.17
N VAL A 87 -4.66 18.45 -11.67
CA VAL A 87 -4.37 17.20 -12.40
C VAL A 87 -5.18 17.17 -13.69
N LYS A 88 -6.40 17.66 -13.70
CA LYS A 88 -7.23 17.65 -14.93
C LYS A 88 -6.54 18.55 -15.95
N LEU A 89 -6.22 19.81 -15.58
CA LEU A 89 -5.57 20.71 -16.55
C LEU A 89 -4.28 20.07 -17.07
N ALA A 90 -3.42 19.57 -16.18
CA ALA A 90 -2.07 19.13 -16.55
C ALA A 90 -2.17 17.84 -17.36
N SER A 91 -3.30 17.15 -17.35
CA SER A 91 -3.46 15.92 -18.18
C SER A 91 -4.32 16.20 -19.40
N GLU A 92 -4.58 17.47 -19.73
CA GLU A 92 -5.43 17.84 -20.89
C GLU A 92 -4.75 18.79 -21.85
N GLY A 93 -3.45 18.97 -21.72
CA GLY A 93 -2.72 19.77 -22.70
C GLY A 93 -2.36 21.15 -22.22
N TYR A 94 -2.71 21.50 -20.99
CA TYR A 94 -2.45 22.88 -20.50
C TYR A 94 -1.02 23.06 -19.99
N ALA A 95 -0.31 21.98 -19.66
CA ALA A 95 0.98 22.04 -18.97
C ALA A 95 2.16 21.97 -19.91
N LEU A 96 3.19 22.74 -19.61
CA LEU A 96 4.49 22.68 -20.30
C LEU A 96 5.23 21.50 -19.70
N PRO A 97 5.65 20.52 -20.49
CA PRO A 97 6.47 19.46 -19.94
C PRO A 97 7.86 19.99 -19.57
N TYR A 98 8.26 19.75 -18.35
CA TYR A 98 9.54 20.18 -17.80
C TYR A 98 9.98 19.22 -16.72
N ASP A 99 11.15 18.66 -16.86
CA ASP A 99 11.71 17.72 -15.85
C ASP A 99 12.54 18.53 -14.85
N SER A 100 11.95 18.89 -13.74
CA SER A 100 12.62 19.72 -12.73
C SER A 100 13.86 19.02 -12.19
N PRO A 101 15.04 19.67 -12.28
CA PRO A 101 16.25 19.12 -11.68
C PRO A 101 16.15 19.05 -10.15
N GLU A 102 15.14 19.64 -9.51
CA GLU A 102 14.99 19.63 -8.06
C GLU A 102 14.08 18.48 -7.64
N ALA A 103 13.48 17.76 -8.60
CA ALA A 103 12.44 16.76 -8.28
C ALA A 103 12.98 15.35 -8.52
N LYS A 104 14.29 15.16 -8.61
CA LYS A 104 14.83 13.83 -8.98
C LYS A 104 14.40 12.80 -7.94
N ASN A 105 14.21 13.13 -6.68
CA ASN A 105 13.84 12.11 -5.68
CA ASN A 105 13.82 12.11 -5.68
C ASN A 105 12.33 12.22 -5.34
N TRP A 106 11.53 12.91 -6.15
CA TRP A 106 10.07 12.91 -5.92
C TRP A 106 9.56 11.47 -6.16
N PRO A 107 8.69 10.95 -5.31
CA PRO A 107 8.03 9.68 -5.62
C PRO A 107 7.16 9.88 -6.88
N ALA A 108 6.97 8.77 -7.62
CA ALA A 108 6.16 8.83 -8.83
C ALA A 108 4.71 9.27 -8.49
N ASN A 109 4.18 8.99 -7.30
CA ASN A 109 2.82 9.39 -6.91
C ASN A 109 2.75 10.85 -6.41
N ALA A 110 3.81 11.63 -6.58
CA ALA A 110 3.85 13.04 -6.17
C ALA A 110 4.19 13.91 -7.37
N ARG A 111 4.10 13.35 -8.55
CA ARG A 111 4.32 14.12 -9.82
C ARG A 111 3.55 13.44 -10.92
N LEU A 112 3.15 14.21 -11.92
CA LEU A 112 2.48 13.65 -13.13
CA LEU A 112 2.46 13.67 -13.11
C LEU A 112 3.52 13.55 -14.20
N GLY A 113 4.45 12.62 -14.08
CA GLY A 113 5.61 12.59 -14.97
C GLY A 113 6.31 13.95 -14.93
N ASN A 114 6.44 14.60 -16.07
CA ASN A 114 7.10 15.92 -16.17
C ASN A 114 6.03 17.03 -16.33
N LEU A 115 4.76 16.77 -16.04
CA LEU A 115 3.71 17.75 -16.37
C LEU A 115 3.31 18.55 -15.12
N ALA A 116 3.41 18.01 -13.92
CA ALA A 116 2.96 18.72 -12.71
C ALA A 116 3.58 18.11 -11.49
N TYR A 117 3.68 18.89 -10.41
CA TYR A 117 4.46 18.46 -9.24
C TYR A 117 3.73 18.80 -7.95
N SER A 118 3.83 17.86 -6.99
CA SER A 118 3.53 18.16 -5.57
C SER A 118 4.53 19.20 -5.06
N THR A 119 4.07 20.15 -4.31
CA THR A 119 4.97 21.15 -3.69
C THR A 119 4.88 21.12 -2.17
N THR A 120 3.90 20.45 -1.60
CA THR A 120 3.64 20.55 -0.13
C THR A 120 3.01 19.21 0.32
N LEU A 121 2.97 19.02 1.63
CA LEU A 121 2.25 17.86 2.24
C LEU A 121 1.51 18.42 3.44
N GLU A 122 0.30 18.89 3.21
CA GLU A 122 -0.35 19.80 4.15
C GLU A 122 -1.53 19.05 4.79
N PRO A 123 -1.57 18.97 6.13
CA PRO A 123 -2.64 18.23 6.75
C PRO A 123 -3.92 19.05 6.88
N ALA A 124 -5.05 18.36 6.84
CA ALA A 124 -6.39 18.89 7.22
C ALA A 124 -6.54 18.69 8.74
N VAL A 125 -6.64 19.77 9.47
CA VAL A 125 -6.57 19.76 10.96
C VAL A 125 -7.89 20.31 11.53
N VAL A 126 -7.99 20.25 12.83
CA VAL A 126 -9.02 20.98 13.62
C VAL A 126 -8.39 22.24 14.19
N VAL A 127 -9.10 23.37 14.06
CA VAL A 127 -8.65 24.59 14.78
CA VAL A 127 -8.67 24.65 14.69
C VAL A 127 -9.78 25.00 15.71
N TYR A 128 -9.41 25.56 16.83
CA TYR A 128 -10.43 25.97 17.82
C TYR A 128 -9.99 27.22 18.56
N ASN A 129 -10.93 27.84 19.25
CA ASN A 129 -10.67 29.03 20.05
C ASN A 129 -10.53 28.61 21.52
N LYS A 130 -9.33 28.72 22.08
CA LYS A 130 -9.04 28.26 23.46
C LYS A 130 -9.84 29.01 24.49
N ARG A 131 -10.40 30.18 24.20
CA ARG A 131 -11.31 30.87 25.16
C ARG A 131 -12.60 30.08 25.36
N PHE A 132 -12.98 29.24 24.40
CA PHE A 132 -14.28 28.54 24.37
C PHE A 132 -14.13 27.03 24.52
N LEU A 133 -13.06 26.48 24.01
CA LEU A 133 -12.73 25.05 24.20
C LEU A 133 -11.28 24.93 24.66
N LYS A 134 -11.11 24.34 25.82
CA LYS A 134 -9.74 24.10 26.24
C LYS A 134 -9.15 22.94 25.47
N PRO A 135 -7.81 22.97 25.29
CA PRO A 135 -7.15 21.91 24.54
C PRO A 135 -7.58 20.50 24.96
N GLU A 136 -7.72 20.26 26.29
CA GLU A 136 -8.01 18.88 26.78
C GLU A 136 -9.47 18.52 26.45
N GLU A 137 -10.33 19.44 26.06
CA GLU A 137 -11.74 19.13 25.71
C GLU A 137 -11.84 18.77 24.22
N VAL A 138 -10.81 19.03 23.41
CA VAL A 138 -10.94 18.91 21.93
C VAL A 138 -10.52 17.52 21.48
N PRO A 139 -11.46 16.69 21.03
CA PRO A 139 -11.09 15.34 20.59
C PRO A 139 -10.19 15.36 19.36
N THR A 140 -9.41 14.29 19.22
CA THR A 140 -8.50 14.13 18.07
C THR A 140 -8.97 12.99 17.17
N THR A 141 -10.21 12.59 17.29
CA THR A 141 -10.76 11.52 16.40
C THR A 141 -12.10 12.01 15.85
N ARG A 142 -12.51 11.41 14.73
CA ARG A 142 -13.82 11.73 14.13
C ARG A 142 -14.95 11.29 15.08
N GLU A 143 -14.83 10.12 15.68
CA GLU A 143 -15.87 9.63 16.61
C GLU A 143 -15.94 10.54 17.82
N GLY A 144 -14.79 10.99 18.32
CA GLY A 144 -14.80 11.89 19.50
C GLY A 144 -15.39 13.23 19.16
N LEU A 145 -15.07 13.77 17.96
CA LEU A 145 -15.66 15.04 17.52
C LEU A 145 -17.15 14.85 17.35
N ALA A 146 -17.61 13.68 16.85
CA ALA A 146 -19.05 13.46 16.69
C ALA A 146 -19.74 13.57 18.07
N ARG A 147 -19.13 13.05 19.11
CA ARG A 147 -19.64 13.09 20.50
C ARG A 147 -19.68 14.52 21.01
N LEU A 148 -18.61 15.26 20.82
CA LEU A 148 -18.53 16.68 21.23
C LEU A 148 -19.67 17.47 20.57
N LEU A 149 -19.94 17.22 19.30
CA LEU A 149 -20.95 17.97 18.53
C LEU A 149 -22.40 17.59 18.92
N GLN A 150 -22.59 16.61 19.79
CA GLN A 150 -23.94 16.33 20.38
C GLN A 150 -24.25 17.38 21.45
N GLU A 151 -23.23 18.04 22.00
CA GLU A 151 -23.43 18.92 23.17
C GLU A 151 -24.15 20.18 22.79
N PRO A 152 -25.17 20.64 23.56
CA PRO A 152 -25.89 21.86 23.24
C PRO A 152 -24.99 23.07 23.01
N ARG A 153 -23.92 23.19 23.79
CA ARG A 153 -23.00 24.37 23.66
C ARG A 153 -22.36 24.41 22.26
N MET A 154 -22.34 23.29 21.53
CA MET A 154 -21.65 23.25 20.21
C MET A 154 -22.62 23.68 19.09
N ARG A 155 -23.91 23.80 19.35
CA ARG A 155 -24.88 24.11 18.27
C ARG A 155 -24.60 25.51 17.75
N GLY A 156 -24.39 25.62 16.45
CA GLY A 156 -24.03 26.89 15.82
C GLY A 156 -22.57 27.23 15.98
N ARG A 157 -21.76 26.38 16.59
CA ARG A 157 -20.38 26.76 16.96
C ARG A 157 -19.36 25.95 16.14
N VAL A 158 -19.77 25.37 15.01
CA VAL A 158 -18.86 24.56 14.18
C VAL A 158 -18.80 25.15 12.76
N ALA A 159 -17.60 25.14 12.19
CA ALA A 159 -17.34 25.54 10.80
C ALA A 159 -16.71 24.37 10.10
N THR A 160 -17.04 24.16 8.83
CA THR A 160 -16.25 23.25 7.98
C THR A 160 -16.37 23.75 6.54
N TRP A 161 -15.79 23.00 5.61
CA TRP A 161 -15.83 23.36 4.19
C TRP A 161 -17.24 23.23 3.62
N ASP A 162 -17.50 24.06 2.64
CA ASP A 162 -18.57 23.82 1.67
C ASP A 162 -17.98 23.17 0.43
N PRO A 163 -18.14 21.88 0.24
CA PRO A 163 -17.51 21.20 -0.90
C PRO A 163 -18.22 21.50 -2.22
N GLU A 164 -19.37 22.19 -2.15
CA GLU A 164 -20.10 22.60 -3.38
C GLU A 164 -19.61 23.96 -3.84
N ARG A 165 -18.89 24.70 -3.01
CA ARG A 165 -18.40 26.03 -3.37
C ARG A 165 -16.88 26.16 -3.32
N SER A 166 -16.15 25.28 -2.68
CA SER A 166 -14.70 25.31 -2.70
C SER A 166 -14.24 23.99 -3.35
N ALA A 167 -13.45 24.07 -4.40
CA ALA A 167 -12.93 22.89 -5.08
C ALA A 167 -12.01 22.09 -4.14
N VAL A 168 -11.19 22.74 -3.32
CA VAL A 168 -10.33 22.01 -2.39
C VAL A 168 -11.14 21.55 -1.19
N GLY A 169 -12.17 22.25 -0.79
CA GLY A 169 -13.07 21.71 0.22
C GLY A 169 -13.67 20.37 -0.22
N PHE A 170 -13.98 20.24 -1.49
CA PHE A 170 -14.32 18.94 -2.11
C PHE A 170 -13.16 17.94 -2.02
N THR A 171 -11.93 18.31 -2.45
CA THR A 171 -10.75 17.46 -2.39
C THR A 171 -10.69 16.86 -0.97
N ILE A 172 -10.73 17.71 0.04
CA ILE A 172 -10.42 17.28 1.41
C ILE A 172 -11.55 16.40 1.93
N LEU A 173 -12.79 16.84 1.83
CA LEU A 173 -13.91 16.05 2.43
C LEU A 173 -14.17 14.79 1.61
N LYS A 174 -13.96 14.79 0.30
CA LYS A 174 -14.11 13.58 -0.55
C LYS A 174 -13.08 12.55 -0.08
N ALA A 175 -11.84 12.97 0.15
CA ALA A 175 -10.79 12.03 0.58
C ALA A 175 -11.14 11.46 1.97
N ASP A 176 -11.62 12.33 2.85
CA ASP A 176 -12.00 11.92 4.23
C ASP A 176 -13.11 10.85 4.12
N TYR A 177 -14.17 11.16 3.41
CA TYR A 177 -15.30 10.23 3.13
C TYR A 177 -14.77 8.90 2.57
N ASP A 178 -13.88 8.97 1.59
CA ASP A 178 -13.39 7.76 0.89
C ASP A 178 -12.56 6.89 1.86
N ARG A 179 -11.83 7.46 2.80
CA ARG A 179 -10.76 6.71 3.54
CA ARG A 179 -10.77 6.71 3.53
C ARG A 179 -11.25 6.36 4.94
N PHE A 180 -12.13 7.16 5.55
CA PHE A 180 -12.49 7.02 6.99
C PHE A 180 -13.97 6.78 7.14
N PRO A 181 -14.40 5.53 7.47
CA PRO A 181 -15.79 5.28 7.79
C PRO A 181 -16.40 6.22 8.85
N ALA A 182 -15.63 6.60 9.85
CA ALA A 182 -16.10 7.48 10.95
C ALA A 182 -16.46 8.85 10.39
N PHE A 183 -15.99 9.21 9.20
CA PHE A 183 -16.43 10.50 8.59
C PHE A 183 -17.96 10.59 8.51
N GLN A 184 -18.63 9.48 8.22
CA GLN A 184 -20.09 9.50 8.03
C GLN A 184 -20.77 9.91 9.33
N GLU A 185 -20.37 9.35 10.47
CA GLU A 185 -20.90 9.73 11.81
C GLU A 185 -20.59 11.22 12.05
N LEU A 186 -19.39 11.66 11.71
CA LEU A 186 -19.03 13.08 11.95
C LEU A 186 -19.90 13.99 11.10
N ALA A 187 -20.12 13.66 9.85
CA ALA A 187 -20.96 14.49 8.96
C ALA A 187 -22.38 14.60 9.51
N ARG A 188 -22.97 13.51 10.04
CA ARG A 188 -24.29 13.62 10.70
C ARG A 188 -24.20 14.55 11.92
N ALA A 189 -23.11 14.53 12.65
CA ALA A 189 -22.90 15.41 13.82
C ALA A 189 -22.73 16.86 13.37
N PHE A 190 -22.19 17.11 12.16
CA PHE A 190 -22.23 18.48 11.60
C PHE A 190 -23.68 18.93 11.43
N GLY A 191 -24.59 18.04 11.03
CA GLY A 191 -26.03 18.34 10.92
C GLY A 191 -26.59 18.65 12.30
N LYS A 192 -26.27 17.81 13.27
CA LYS A 192 -26.74 17.98 14.68
C LYS A 192 -26.31 19.36 15.20
N ALA A 193 -25.07 19.72 15.01
CA ALA A 193 -24.52 20.99 15.52
C ALA A 193 -24.83 22.15 14.60
N GLN A 194 -25.55 21.93 13.48
CA GLN A 194 -25.88 23.03 12.54
C GLN A 194 -24.56 23.71 12.11
N ALA A 195 -23.59 22.92 11.64
CA ALA A 195 -22.32 23.42 11.10
C ALA A 195 -22.58 24.45 10.02
N ALA A 196 -21.81 25.52 10.03
CA ALA A 196 -21.80 26.53 8.97
C ALA A 196 -20.67 26.13 7.99
N LEU A 197 -20.93 26.23 6.71
CA LEU A 197 -19.98 25.77 5.67
C LEU A 197 -19.34 26.98 4.98
N TYR A 198 -18.02 26.96 4.78
CA TYR A 198 -17.28 28.09 4.23
C TYR A 198 -16.50 27.68 2.98
N SER A 199 -16.25 28.65 2.11
CA SER A 199 -15.55 28.40 0.84
C SER A 199 -14.08 28.77 0.96
N SER A 200 -13.64 29.32 2.10
CA SER A 200 -12.21 29.68 2.27
C SER A 200 -11.83 29.45 3.73
N THR A 201 -10.56 29.16 3.96
CA THR A 201 -10.01 29.00 5.33
C THR A 201 -10.16 30.32 6.07
N GLY A 202 -9.82 31.45 5.47
CA GLY A 202 -9.87 32.76 6.16
C GLY A 202 -11.29 33.05 6.68
N ALA A 203 -12.32 32.69 5.93
CA ALA A 203 -13.73 32.94 6.37
C ALA A 203 -14.04 32.10 7.58
N ALA A 204 -13.63 30.84 7.61
CA ALA A 204 -13.90 29.95 8.77
C ALA A 204 -13.08 30.46 9.96
N PHE A 205 -11.81 30.81 9.75
CA PHE A 205 -10.91 31.24 10.84
C PHE A 205 -11.41 32.52 11.46
N GLU A 206 -11.91 33.45 10.66
CA GLU A 206 -12.41 34.74 11.22
C GLU A 206 -13.53 34.42 12.24
N LYS A 207 -14.38 33.47 11.94
CA LYS A 207 -15.52 33.07 12.81
C LYS A 207 -14.94 32.41 14.08
N VAL A 208 -13.90 31.58 13.97
CA VAL A 208 -13.34 30.89 15.15
C VAL A 208 -12.65 31.93 16.03
N ILE A 209 -11.96 32.86 15.40
CA ILE A 209 -11.23 33.92 16.15
C ILE A 209 -12.23 34.80 16.87
N SER A 210 -13.38 35.11 16.29
CA SER A 210 -14.38 36.01 16.92
C SER A 210 -15.16 35.24 18.00
N GLY A 211 -15.12 33.93 17.97
CA GLY A 211 -15.94 33.06 18.83
C GLY A 211 -17.32 32.87 18.31
N GLU A 212 -17.68 33.36 17.11
CA GLU A 212 -18.98 32.99 16.48
C GLU A 212 -19.04 31.47 16.34
N HIS A 213 -17.90 30.88 15.97
CA HIS A 213 -17.72 29.42 16.07
C HIS A 213 -16.57 29.14 17.04
N TYR A 214 -16.54 27.95 17.61
CA TYR A 214 -15.53 27.50 18.55
C TYR A 214 -14.52 26.62 17.85
N LEU A 215 -14.93 25.96 16.75
CA LEU A 215 -14.11 24.87 16.16
C LEU A 215 -14.34 24.83 14.66
N ALA A 216 -13.26 24.63 13.89
CA ALA A 216 -13.33 24.48 12.44
C ALA A 216 -12.65 23.17 12.08
N TYR A 217 -13.30 22.39 11.21
CA TYR A 217 -12.79 21.06 10.81
C TYR A 217 -12.32 21.06 9.35
N GLY A 218 -11.10 20.59 9.13
CA GLY A 218 -10.66 20.25 7.80
C GLY A 218 -9.83 21.29 7.10
N PHE A 219 -9.52 22.40 7.75
CA PHE A 219 -8.75 23.47 7.06
C PHE A 219 -7.23 23.19 7.19
N PHE A 220 -6.44 23.95 6.44
CA PHE A 220 -4.99 23.67 6.27
C PHE A 220 -4.22 23.90 7.58
N GLY A 221 -3.42 22.94 8.01
CA GLY A 221 -2.53 23.20 9.17
C GLY A 221 -1.55 24.35 8.92
N SER A 222 -1.11 24.55 7.67
CA SER A 222 -0.19 25.63 7.27
C SER A 222 -0.76 26.97 7.74
N TYR A 223 -1.99 27.28 7.31
CA TYR A 223 -2.65 28.57 7.64
C TYR A 223 -2.84 28.69 9.14
N ALA A 224 -3.16 27.58 9.81
CA ALA A 224 -3.39 27.59 11.26
C ALA A 224 -2.09 27.97 11.96
N LEU A 225 -0.99 27.34 11.59
CA LEU A 225 0.31 27.66 12.23
C LEU A 225 0.64 29.14 12.08
N LEU A 226 0.47 29.67 10.89
CA LEU A 226 0.81 31.08 10.64
C LEU A 226 -0.17 31.98 11.40
N ARG A 227 -1.43 31.65 11.49
CA ARG A 227 -2.40 32.49 12.23
C ARG A 227 -2.08 32.51 13.74
N GLN A 228 -1.66 31.38 14.25
CA GLN A 228 -1.32 31.23 15.68
C GLN A 228 -0.19 32.16 16.08
N ARG A 229 0.67 32.61 15.15
CA ARG A 229 1.75 33.50 15.52
C ARG A 229 1.18 34.84 15.98
N THR A 230 0.03 35.25 15.51
CA THR A 230 -0.55 36.57 15.89
C THR A 230 -1.81 36.40 16.73
N VAL A 231 -2.44 35.22 16.76
CA VAL A 231 -3.70 34.98 17.51
C VAL A 231 -3.37 33.87 18.51
N LYS A 232 -3.03 34.23 19.74
CA LYS A 232 -2.58 33.21 20.71
C LYS A 232 -3.81 32.39 21.23
N ASP A 233 -5.03 32.83 21.01
CA ASP A 233 -6.23 32.03 21.36
C ASP A 233 -6.45 30.85 20.37
N LEU A 234 -5.76 30.82 19.20
CA LEU A 234 -6.03 29.72 18.23
C LEU A 234 -5.32 28.42 18.61
N GLY A 235 -6.06 27.35 18.86
CA GLY A 235 -5.47 26.03 19.03
C GLY A 235 -5.59 25.15 17.79
N ILE A 236 -4.68 24.20 17.67
CA ILE A 236 -4.68 23.24 16.57
C ILE A 236 -4.70 21.85 17.12
N ALA A 237 -5.63 21.02 16.66
CA ALA A 237 -5.65 19.60 17.01
C ALA A 237 -5.46 18.78 15.75
N TYR A 238 -4.54 17.80 15.81
CA TYR A 238 -4.29 16.88 14.70
C TYR A 238 -5.10 15.60 14.92
N LEU A 239 -5.69 15.06 13.87
CA LEU A 239 -6.49 13.83 13.98
C LEU A 239 -5.58 12.61 14.07
N THR A 240 -5.75 11.84 15.13
CA THR A 240 -4.92 10.65 15.46
C THR A 240 -5.54 9.38 14.89
N ASP A 241 -6.77 9.46 14.38
CA ASP A 241 -7.47 8.30 13.79
C ASP A 241 -7.08 8.27 12.33
N GLY A 242 -6.49 9.33 11.82
CA GLY A 242 -6.18 9.39 10.39
C GLY A 242 -6.28 10.85 9.95
N THR A 243 -5.27 11.30 9.20
CA THR A 243 -5.20 12.69 8.72
C THR A 243 -5.14 12.65 7.17
N VAL A 244 -6.02 13.39 6.50
CA VAL A 244 -5.92 13.67 5.05
C VAL A 244 -4.83 14.71 4.85
N ALA A 245 -3.93 14.47 3.91
CA ALA A 245 -2.94 15.51 3.53
C ALA A 245 -3.12 15.82 2.05
N ILE A 246 -3.27 17.10 1.73
CA ILE A 246 -3.23 17.53 0.33
C ILE A 246 -1.79 17.88 -0.07
N GLN A 247 -1.55 17.88 -1.38
CA GLN A 247 -0.27 18.29 -1.98
C GLN A 247 -0.67 19.40 -2.93
N ARG A 248 -0.22 20.61 -2.65
CA ARG A 248 -0.48 21.72 -3.58
C ARG A 248 0.21 21.38 -4.88
N VAL A 249 -0.47 21.49 -6.00
CA VAL A 249 0.08 21.07 -7.29
C VAL A 249 0.48 22.31 -8.09
N ALA A 250 1.75 22.32 -8.55
CA ALA A 250 2.21 23.39 -9.45
C ALA A 250 2.47 22.84 -10.83
N PHE A 251 2.12 23.61 -11.84
CA PHE A 251 2.55 23.32 -13.20
C PHE A 251 2.73 24.64 -13.96
N ILE A 252 3.44 24.52 -15.04
CA ILE A 252 3.78 25.65 -15.92
C ILE A 252 2.77 25.67 -17.04
N ASN A 253 2.23 26.86 -17.36
CA ASN A 253 1.35 26.99 -18.53
C ASN A 253 2.15 26.67 -19.80
N LYS A 254 1.68 25.74 -20.59
CA LYS A 254 2.22 25.40 -21.92
C LYS A 254 2.36 26.70 -22.75
N ARG A 255 1.38 27.58 -22.63
CA ARG A 255 1.30 28.86 -23.38
C ARG A 255 1.81 30.04 -22.54
N ALA A 256 2.61 29.80 -21.50
CA ALA A 256 3.22 30.88 -20.69
C ALA A 256 3.93 31.86 -21.62
N ALA A 257 3.79 33.15 -21.36
CA ALA A 257 4.65 34.20 -21.97
C ALA A 257 6.06 34.10 -21.38
N HIS A 258 6.19 33.67 -20.14
CA HIS A 258 7.47 33.64 -19.40
C HIS A 258 7.75 32.24 -18.87
N PRO A 259 7.91 31.24 -19.75
CA PRO A 259 8.02 29.84 -19.27
C PRO A 259 9.26 29.61 -18.41
N ASN A 260 10.38 30.26 -18.77
CA ASN A 260 11.65 30.04 -18.06
C ASN A 260 11.59 30.64 -16.66
N ALA A 261 10.97 31.81 -16.49
CA ALA A 261 10.73 32.36 -15.14
C ALA A 261 9.89 31.36 -14.34
N ALA A 262 8.89 30.75 -14.98
CA ALA A 262 8.03 29.74 -14.33
C ALA A 262 8.86 28.51 -13.94
N LYS A 263 9.76 28.06 -14.82
CA LYS A 263 10.71 26.96 -14.49
C LYS A 263 11.47 27.33 -13.23
N LEU A 264 12.05 28.53 -13.19
CA LEU A 264 12.88 28.90 -12.02
C LEU A 264 12.04 28.84 -10.77
N PHE A 265 10.79 29.32 -10.81
CA PHE A 265 9.94 29.37 -9.61
C PHE A 265 9.56 27.95 -9.19
N LEU A 266 9.20 27.07 -10.15
CA LEU A 266 8.90 25.66 -9.82
C LEU A 266 10.12 25.04 -9.15
N ASP A 267 11.29 25.21 -9.76
CA ASP A 267 12.50 24.56 -9.21
C ASP A 267 12.78 25.14 -7.83
N TYR A 268 12.55 26.43 -7.64
CA TYR A 268 12.68 27.07 -6.33
C TYR A 268 11.74 26.39 -5.33
N LEU A 269 10.44 26.28 -5.64
CA LEU A 269 9.49 25.66 -4.68
C LEU A 269 9.97 24.26 -4.30
N LEU A 270 10.51 23.49 -5.23
CA LEU A 270 10.86 22.06 -5.00
C LEU A 270 12.23 21.94 -4.32
N SER A 271 13.04 22.97 -4.38
CA SER A 271 14.41 22.95 -3.89
C SER A 271 14.47 22.78 -2.39
N LEU A 272 15.61 22.32 -1.90
CA LEU A 272 15.83 22.35 -0.42
C LEU A 272 15.64 23.75 0.10
N ARG A 273 16.14 24.78 -0.60
CA ARG A 273 15.98 26.16 -0.10
C ARG A 273 14.51 26.55 0.07
N GLY A 274 13.71 26.30 -0.96
CA GLY A 274 12.29 26.64 -0.93
C GLY A 274 11.51 25.82 0.07
N GLN A 275 11.82 24.55 0.14
CA GLN A 275 11.10 23.64 1.07
C GLN A 275 11.46 23.98 2.52
N ASN A 276 12.71 24.34 2.76
CA ASN A 276 13.13 24.77 4.12
C ASN A 276 12.45 26.10 4.46
N LEU A 277 12.35 27.02 3.53
CA LEU A 277 11.65 28.28 3.78
C LEU A 277 10.17 28.03 4.09
N MET A 278 9.54 27.08 3.40
CA MET A 278 8.17 26.64 3.74
C MET A 278 8.12 26.20 5.17
N ALA A 279 9.00 25.29 5.57
CA ALA A 279 8.90 24.62 6.87
C ALA A 279 9.20 25.59 8.01
N TYR A 280 10.11 26.50 7.79
CA TYR A 280 10.71 27.33 8.86
C TYR A 280 10.00 28.67 9.00
N THR A 281 9.75 29.33 7.88
CA THR A 281 9.42 30.77 7.81
C THR A 281 7.98 30.95 7.32
N ALA A 282 7.58 30.37 6.18
CA ALA A 282 6.21 30.50 5.64
C ALA A 282 5.22 29.72 6.48
N LEU A 283 5.70 28.69 7.17
CA LEU A 283 4.90 27.71 7.94
C LEU A 283 3.90 27.04 7.00
N ILE A 284 4.37 26.74 5.82
CA ILE A 284 3.66 25.79 4.88
C ILE A 284 4.25 24.40 5.11
N PHE A 285 3.44 23.40 5.36
CA PHE A 285 3.93 22.03 5.59
C PHE A 285 4.62 21.52 4.31
N ALA A 286 5.94 21.32 4.39
CA ALA A 286 6.79 20.95 3.25
C ALA A 286 6.54 19.53 2.77
N ARG A 287 6.82 19.31 1.49
CA ARG A 287 6.80 17.95 0.89
C ARG A 287 8.09 17.24 1.21
N ARG A 288 9.25 17.94 1.18
CA ARG A 288 10.53 17.26 1.45
C ARG A 288 10.65 16.85 2.90
N GLU A 289 11.24 15.67 3.13
CA GLU A 289 11.51 15.22 4.50
C GLU A 289 12.70 15.94 5.10
N THR A 290 13.67 16.41 4.27
CA THR A 290 14.93 16.97 4.78
C THR A 290 14.77 18.48 5.00
N VAL A 291 13.96 18.83 5.97
CA VAL A 291 13.62 20.21 6.28
C VAL A 291 13.70 20.38 7.77
N VAL A 292 13.96 21.62 8.20
CA VAL A 292 13.93 22.01 9.62
C VAL A 292 12.89 23.11 9.80
N GLY A 293 12.07 23.01 10.84
CA GLY A 293 11.06 24.05 11.14
C GLY A 293 9.85 23.44 11.76
N GLU A 294 8.84 24.22 11.98
CA GLU A 294 7.60 23.71 12.61
C GLU A 294 6.77 22.90 11.61
N ALA A 295 6.80 23.29 10.33
CA ALA A 295 5.83 22.80 9.31
C ALA A 295 6.51 21.73 8.46
N THR A 296 6.77 20.58 9.06
CA THR A 296 7.57 19.49 8.45
C THR A 296 6.79 18.18 8.44
N PRO A 297 7.12 17.24 7.54
CA PRO A 297 6.50 15.90 7.57
C PRO A 297 6.77 15.24 8.94
N GLN A 298 7.99 15.32 9.44
CA GLN A 298 8.32 14.72 10.75
C GLN A 298 7.41 15.28 11.84
N ALA A 299 7.18 16.57 11.86
CA ALA A 299 6.30 17.22 12.86
C ALA A 299 4.86 16.74 12.68
N LEU A 300 4.37 16.64 11.47
CA LEU A 300 3.04 16.11 11.19
C LEU A 300 2.96 14.68 11.69
N TYR A 301 3.96 13.85 11.35
CA TYR A 301 3.87 12.42 11.70
C TYR A 301 3.89 12.28 13.22
N LYS A 302 4.68 13.09 13.91
CA LYS A 302 4.72 13.00 15.40
C LYS A 302 3.33 13.38 15.92
N ALA A 303 2.73 14.44 15.37
CA ALA A 303 1.46 14.98 15.91
C ALA A 303 0.34 13.94 15.76
N VAL A 304 0.32 13.18 14.67
CA VAL A 304 -0.80 12.24 14.39
C VAL A 304 -0.49 10.84 14.95
N GLY A 305 0.73 10.54 15.36
CA GLY A 305 1.09 9.21 15.92
C GLY A 305 1.57 8.27 14.81
N GLY A 306 2.12 8.81 13.76
CA GLY A 306 2.94 8.06 12.79
C GLY A 306 2.56 8.31 11.36
N LYS A 307 3.53 8.11 10.50
CA LYS A 307 3.36 8.33 9.06
C LYS A 307 2.24 7.47 8.51
N ASP A 308 1.98 6.28 9.10
CA ASP A 308 0.93 5.40 8.57
C ASP A 308 -0.46 5.96 8.89
N LYS A 309 -0.58 7.00 9.69
CA LYS A 309 -1.87 7.64 9.98
C LYS A 309 -2.14 8.75 8.96
N VAL A 310 -1.22 9.06 8.09
CA VAL A 310 -1.45 10.15 7.08
C VAL A 310 -1.85 9.51 5.76
N TYR A 311 -2.97 9.94 5.16
CA TYR A 311 -3.36 9.59 3.78
C TYR A 311 -3.03 10.78 2.88
N ALA A 312 -1.89 10.73 2.21
CA ALA A 312 -1.45 11.78 1.28
C ALA A 312 -2.17 11.51 -0.03
N ILE A 313 -3.04 12.41 -0.45
CA ILE A 313 -3.70 12.32 -1.73
C ILE A 313 -2.65 12.35 -2.80
N PRO A 314 -2.61 11.43 -3.75
CA PRO A 314 -1.50 11.43 -4.75
C PRO A 314 -1.72 12.44 -5.85
N VAL A 315 -0.62 12.92 -6.44
CA VAL A 315 -0.67 13.74 -7.64
C VAL A 315 -0.71 12.76 -8.78
N SER A 316 -1.88 12.28 -9.14
CA SER A 316 -2.04 11.14 -10.06
C SER A 316 -3.30 11.36 -10.88
N THR A 317 -3.33 10.91 -12.12
CA THR A 317 -4.58 10.94 -12.92
C THR A 317 -5.64 10.04 -12.30
N GLU A 318 -5.28 9.17 -11.37
CA GLU A 318 -6.33 8.30 -10.76
C GLU A 318 -7.31 9.14 -9.92
N ILE A 319 -6.88 10.28 -9.40
CA ILE A 319 -7.75 11.13 -8.54
C ILE A 319 -8.86 11.75 -9.35
N LEU A 320 -8.80 11.74 -10.67
CA LEU A 320 -9.90 12.28 -11.52
C LEU A 320 -11.15 11.41 -11.37
N LYS A 321 -11.09 10.22 -10.76
CA LYS A 321 -12.30 9.48 -10.39
C LYS A 321 -13.22 10.39 -9.58
N ASN A 322 -12.63 11.27 -8.75
CA ASN A 322 -13.43 12.16 -7.87
C ASN A 322 -14.27 13.17 -8.67
N LEU A 323 -13.94 13.40 -9.95
CA LEU A 323 -14.71 14.30 -10.84
C LEU A 323 -15.73 13.52 -11.62
N ASP A 324 -15.77 12.20 -11.51
CA ASP A 324 -16.77 11.39 -12.23
C ASP A 324 -18.13 11.82 -11.70
N PRO A 325 -19.12 12.15 -12.57
CA PRO A 325 -20.44 12.56 -12.03
C PRO A 325 -21.04 11.58 -11.03
N ALA A 326 -21.00 10.25 -11.24
CA ALA A 326 -21.65 9.32 -10.32
C ALA A 326 -20.90 9.29 -8.97
N GLU A 327 -19.60 9.45 -8.99
CA GLU A 327 -18.78 9.46 -7.76
C GLU A 327 -19.05 10.75 -6.99
N ARG A 328 -19.08 11.89 -7.69
CA ARG A 328 -19.45 13.18 -7.10
C ARG A 328 -20.87 13.10 -6.54
N MET A 329 -21.78 12.49 -7.26
CA MET A 329 -23.21 12.38 -6.82
C MET A 329 -23.34 11.60 -5.52
N ARG A 330 -22.57 10.52 -5.41
CA ARG A 330 -22.70 9.65 -4.21
C ARG A 330 -22.23 10.43 -2.99
N PHE A 331 -21.10 11.10 -3.12
CA PHE A 331 -20.52 11.89 -2.01
C PHE A 331 -21.47 13.03 -1.69
N LEU A 332 -21.86 13.84 -2.69
CA LEU A 332 -22.64 15.06 -2.38
C LEU A 332 -24.02 14.70 -1.84
N THR A 333 -24.65 13.63 -2.30
CA THR A 333 -25.98 13.25 -1.80
C THR A 333 -25.81 12.88 -0.30
N PHE A 334 -24.82 12.09 -0.01
CA PHE A 334 -24.54 11.68 1.40
C PHE A 334 -24.31 12.94 2.24
N TRP A 335 -23.42 13.82 1.78
CA TRP A 335 -23.02 15.05 2.50
C TRP A 335 -24.24 15.94 2.78
N ARG A 336 -24.98 16.29 1.73
CA ARG A 336 -26.09 17.23 1.82
C ARG A 336 -27.16 16.70 2.80
N GLN A 337 -27.43 15.41 2.79
CA GLN A 337 -28.43 14.81 3.71
C GLN A 337 -27.84 14.84 5.13
N ALA A 338 -26.55 14.57 5.31
CA ALA A 338 -25.97 14.47 6.66
C ALA A 338 -25.89 15.85 7.32
N VAL A 339 -25.50 16.88 6.60
CA VAL A 339 -25.17 18.21 7.20
C VAL A 339 -26.39 19.12 7.29
N ARG A 340 -27.51 18.77 6.68
CA ARG A 340 -28.80 19.51 6.81
C ARG A 340 -29.41 19.28 8.20
N MET B 1 -21.22 -8.91 -32.53
CA MET B 1 -22.13 -7.74 -32.73
C MET B 1 -21.34 -6.43 -32.91
N MET B 2 -22.06 -5.35 -33.26
CA MET B 2 -21.60 -3.95 -33.52
C MET B 2 -20.72 -3.82 -34.77
N GLN B 3 -20.68 -4.85 -35.64
CA GLN B 3 -19.74 -4.92 -36.81
C GLN B 3 -20.06 -3.80 -37.81
N GLN B 4 -21.28 -3.22 -37.79
CA GLN B 4 -21.70 -2.16 -38.74
C GLN B 4 -21.80 -0.77 -38.10
N SER B 5 -21.48 -0.60 -36.80
CA SER B 5 -21.58 0.73 -36.16
C SER B 5 -20.39 1.59 -36.62
N ARG B 6 -20.48 2.90 -36.42
CA ARG B 6 -19.45 3.88 -36.84
C ARG B 6 -18.98 4.57 -35.58
N PRO B 7 -17.64 4.65 -35.32
CA PRO B 7 -17.14 5.40 -34.19
C PRO B 7 -17.60 6.87 -34.27
N ALA B 8 -17.73 7.54 -33.13
CA ALA B 8 -18.28 8.90 -33.02
C ALA B 8 -17.21 9.98 -33.26
N SER B 9 -16.23 9.78 -34.12
CA SER B 9 -15.23 10.83 -34.43
C SER B 9 -15.96 12.04 -35.03
N ASP B 10 -15.52 13.24 -34.71
CA ASP B 10 -16.07 14.49 -35.27
C ASP B 10 -15.94 14.44 -36.78
N PRO B 11 -16.97 14.88 -37.53
CA PRO B 11 -16.85 14.91 -38.99
C PRO B 11 -15.70 15.78 -39.51
N GLN B 12 -15.32 16.85 -38.80
CA GLN B 12 -14.18 17.71 -39.26
C GLN B 12 -12.86 16.90 -39.09
N VAL B 13 -12.81 16.01 -38.12
CA VAL B 13 -11.61 15.10 -37.94
C VAL B 13 -11.55 14.13 -39.13
N VAL B 14 -12.69 13.56 -39.52
CA VAL B 14 -12.75 12.67 -40.69
C VAL B 14 -12.23 13.39 -41.94
N GLU B 15 -12.67 14.63 -42.15
CA GLU B 15 -12.34 15.37 -43.39
C GLU B 15 -10.83 15.68 -43.37
N ALA B 16 -10.28 16.02 -42.18
CA ALA B 16 -8.85 16.33 -42.07
C ALA B 16 -8.02 15.05 -42.30
N ALA B 17 -8.56 13.89 -41.84
CA ALA B 17 -7.86 12.61 -42.03
C ALA B 17 -7.84 12.25 -43.52
N ARG B 18 -8.88 12.63 -44.23
CA ARG B 18 -8.96 12.30 -45.67
C ARG B 18 -7.86 13.08 -46.41
N LYS B 19 -7.63 14.31 -46.02
CA LYS B 19 -6.52 15.11 -46.62
C LYS B 19 -5.14 14.51 -46.31
N GLU B 20 -4.96 13.92 -45.13
CA GLU B 20 -3.66 13.28 -44.73
C GLU B 20 -3.47 11.97 -45.50
N GLY B 21 -4.46 11.10 -45.49
CA GLY B 21 -4.50 9.93 -46.37
C GLY B 21 -3.65 8.77 -45.85
N ARG B 22 -3.00 8.91 -44.69
CA ARG B 22 -1.96 7.96 -44.24
C ARG B 22 -1.95 7.87 -42.74
N LEU B 23 -1.53 6.71 -42.21
CA LEU B 23 -1.44 6.49 -40.78
C LEU B 23 -0.28 5.56 -40.51
N ILE B 24 0.70 6.05 -39.76
CA ILE B 24 1.89 5.25 -39.39
C ILE B 24 1.74 4.83 -37.92
N ILE B 25 1.67 3.53 -37.70
CA ILE B 25 1.52 2.96 -36.33
C ILE B 25 2.83 2.31 -35.94
N TYR B 26 3.28 2.54 -34.71
CA TYR B 26 4.33 1.70 -34.09
C TYR B 26 3.58 0.93 -32.99
N SER B 27 3.54 -0.38 -33.12
CA SER B 27 2.77 -1.21 -32.17
C SER B 27 3.53 -2.46 -31.77
N SER B 28 3.40 -2.89 -30.52
CA SER B 28 3.88 -4.23 -30.10
C SER B 28 2.80 -5.30 -30.30
N THR B 29 1.59 -4.96 -30.72
CA THR B 29 0.54 -5.98 -30.94
C THR B 29 0.92 -6.77 -32.17
N ASP B 30 1.14 -8.07 -32.00
CA ASP B 30 1.55 -8.92 -33.11
C ASP B 30 0.56 -8.71 -34.27
N GLN B 31 1.07 -8.52 -35.46
CA GLN B 31 0.20 -8.20 -36.62
C GLN B 31 -0.81 -9.32 -36.86
N SER B 32 -0.46 -10.56 -36.60
CA SER B 32 -1.38 -11.70 -36.68
C SER B 32 -2.67 -11.43 -35.87
N SER B 33 -2.55 -10.77 -34.74
CA SER B 33 -3.71 -10.44 -33.85
C SER B 33 -4.35 -9.13 -34.34
N ALA B 34 -3.57 -8.16 -34.75
CA ALA B 34 -4.05 -6.81 -35.11
C ALA B 34 -4.69 -6.80 -36.49
N GLN B 35 -4.35 -7.74 -37.37
CA GLN B 35 -4.75 -7.56 -38.81
C GLN B 35 -6.25 -7.38 -39.02
N ALA B 36 -7.12 -8.07 -38.30
CA ALA B 36 -8.56 -7.92 -38.51
C ALA B 36 -9.01 -6.52 -38.14
N LEU B 37 -8.36 -5.88 -37.17
CA LEU B 37 -8.67 -4.48 -36.80
C LEU B 37 -8.26 -3.57 -37.95
N LEU B 38 -7.07 -3.79 -38.49
CA LEU B 38 -6.59 -2.92 -39.59
C LEU B 38 -7.51 -3.07 -40.83
N ASP B 39 -7.94 -4.29 -41.13
CA ASP B 39 -8.81 -4.57 -42.29
C ASP B 39 -10.20 -3.93 -42.07
N ASP B 40 -10.70 -3.96 -40.83
CA ASP B 40 -12.02 -3.37 -40.55
C ASP B 40 -11.93 -1.84 -40.61
N PHE B 41 -10.82 -1.31 -40.11
CA PHE B 41 -10.59 0.16 -40.15
C PHE B 41 -10.58 0.63 -41.62
N ARG B 42 -9.90 -0.11 -42.49
CA ARG B 42 -9.83 0.17 -43.96
C ARG B 42 -11.26 0.13 -44.53
N LYS B 43 -12.10 -0.79 -44.10
CA LYS B 43 -13.51 -0.81 -44.56
C LYS B 43 -14.22 0.49 -44.20
N LEU B 44 -14.04 0.98 -42.98
CA LEU B 44 -14.69 2.22 -42.50
C LEU B 44 -14.12 3.44 -43.22
N TYR B 45 -12.81 3.49 -43.41
CA TYR B 45 -12.09 4.66 -43.92
C TYR B 45 -11.12 4.17 -44.99
N PRO B 46 -11.65 3.84 -46.20
CA PRO B 46 -10.80 3.28 -47.24
C PRO B 46 -9.74 4.28 -47.76
N PHE B 47 -9.88 5.55 -47.40
CA PHE B 47 -9.01 6.66 -47.88
C PHE B 47 -7.80 6.81 -46.94
N ILE B 48 -7.60 5.91 -45.96
CA ILE B 48 -6.37 5.94 -45.12
C ILE B 48 -5.49 4.74 -45.44
N GLN B 49 -4.27 4.97 -45.90
CA GLN B 49 -3.22 3.95 -46.08
C GLN B 49 -2.53 3.69 -44.73
N ILE B 50 -2.56 2.47 -44.24
CA ILE B 50 -1.93 2.15 -42.92
C ILE B 50 -0.58 1.51 -43.12
N GLU B 51 0.40 2.02 -42.40
CA GLU B 51 1.73 1.39 -42.27
C GLU B 51 1.83 0.88 -40.86
N TYR B 52 1.84 -0.42 -40.69
CA TYR B 52 1.77 -1.01 -39.32
C TYR B 52 3.16 -1.52 -39.02
N ASN B 53 3.88 -0.91 -38.08
CA ASN B 53 5.23 -1.36 -37.70
C ASN B 53 5.14 -2.19 -36.44
N ASP B 54 5.24 -3.51 -36.59
CA ASP B 54 5.11 -4.52 -35.50
C ASP B 54 6.51 -4.63 -34.87
N LEU B 55 6.72 -4.03 -33.71
CA LEU B 55 8.03 -3.78 -33.13
C LEU B 55 8.04 -4.26 -31.68
N GLY B 56 9.22 -4.55 -31.16
CA GLY B 56 9.41 -4.85 -29.73
C GLY B 56 9.14 -3.62 -28.88
N THR B 57 8.68 -3.84 -27.67
CA THR B 57 8.27 -2.73 -26.79
C THR B 57 9.44 -1.80 -26.49
N GLN B 58 10.60 -2.32 -26.17
CA GLN B 58 11.74 -1.39 -25.88
C GLN B 58 12.10 -0.66 -27.17
N ALA B 59 12.13 -1.34 -28.29
CA ALA B 59 12.44 -0.79 -29.63
C ALA B 59 11.50 0.37 -29.95
N ILE B 60 10.20 0.26 -29.66
CA ILE B 60 9.21 1.36 -29.94
C ILE B 60 9.64 2.62 -29.19
N TYR B 61 9.90 2.46 -27.91
CA TYR B 61 10.33 3.57 -27.06
C TYR B 61 11.60 4.18 -27.63
N ASP B 62 12.62 3.36 -27.85
CA ASP B 62 13.96 3.89 -28.23
C ASP B 62 13.86 4.58 -29.59
N ARG B 63 13.15 3.98 -30.54
CA ARG B 63 13.05 4.52 -31.90
C ARG B 63 12.27 5.83 -31.87
N PHE B 64 11.14 5.86 -31.17
CA PHE B 64 10.31 7.07 -31.12
C PHE B 64 11.04 8.23 -30.42
N VAL B 65 11.74 7.96 -29.33
CA VAL B 65 12.54 9.02 -28.65
C VAL B 65 13.63 9.51 -29.60
N SER B 66 14.30 8.60 -30.29
CA SER B 66 15.46 8.95 -31.15
CA SER B 66 15.47 8.96 -31.17
CA SER B 66 15.47 8.98 -31.14
C SER B 66 14.99 9.77 -32.36
N GLU B 67 13.93 9.31 -33.01
CA GLU B 67 13.35 10.02 -34.17
C GLU B 67 12.87 11.38 -33.78
N THR B 68 12.19 11.46 -32.64
CA THR B 68 11.69 12.78 -32.14
C THR B 68 12.87 13.72 -31.89
N ALA B 69 13.91 13.26 -31.20
CA ALA B 69 15.08 14.10 -30.88
C ALA B 69 15.71 14.59 -32.19
N ALA B 70 15.71 13.78 -33.24
CA ALA B 70 16.33 14.13 -34.52
C ALA B 70 15.45 15.04 -35.38
N GLY B 71 14.21 15.30 -35.00
CA GLY B 71 13.28 16.09 -35.82
C GLY B 71 12.74 15.25 -36.98
N ALA B 72 12.91 13.92 -36.92
CA ALA B 72 12.57 13.01 -38.05
C ALA B 72 11.10 12.65 -38.00
N SER B 73 10.63 12.21 -39.19
CA SER B 73 9.39 11.42 -39.44
C SER B 73 9.34 10.34 -38.39
N SER B 74 8.25 10.33 -37.61
CA SER B 74 8.02 9.23 -36.66
C SER B 74 6.59 8.72 -36.82
N ALA B 75 6.13 7.97 -35.86
CA ALA B 75 4.79 7.38 -35.85
C ALA B 75 3.72 8.44 -35.67
N ASP B 76 2.52 8.18 -36.18
CA ASP B 76 1.34 8.96 -35.81
C ASP B 76 0.75 8.47 -34.50
N LEU B 77 0.77 7.15 -34.30
CA LEU B 77 0.12 6.54 -33.14
C LEU B 77 1.03 5.46 -32.58
N LEU B 78 1.14 5.40 -31.24
CA LEU B 78 1.93 4.38 -30.57
CA LEU B 78 1.96 4.38 -30.55
C LEU B 78 0.98 3.49 -29.78
N TRP B 79 1.13 2.19 -29.91
CA TRP B 79 0.21 1.21 -29.28
C TRP B 79 1.07 0.11 -28.67
N SER B 80 1.19 0.06 -27.37
CA SER B 80 2.15 -0.86 -26.76
C SER B 80 1.67 -1.42 -25.44
N SER B 81 2.05 -2.66 -25.23
CA SER B 81 1.80 -3.36 -23.94
C SER B 81 2.78 -2.97 -22.85
N ALA B 82 3.89 -2.29 -23.11
CA ALA B 82 4.85 -1.85 -22.08
C ALA B 82 4.26 -0.60 -21.43
N MET B 83 3.38 -0.82 -20.47
CA MET B 83 2.53 0.28 -19.97
C MET B 83 3.41 1.39 -19.37
N GLU B 84 4.46 1.08 -18.61
CA GLU B 84 5.31 2.12 -17.98
C GLU B 84 5.90 3.01 -19.08
N LEU B 85 6.42 2.39 -20.14
CA LEU B 85 7.07 3.17 -21.21
C LEU B 85 6.06 4.06 -21.94
N GLN B 86 4.85 3.58 -22.19
CA GLN B 86 3.78 4.41 -22.81
C GLN B 86 3.41 5.57 -21.89
N VAL B 87 3.18 5.25 -20.60
CA VAL B 87 2.80 6.29 -19.61
C VAL B 87 3.95 7.30 -19.47
N LYS B 88 5.20 6.87 -19.54
CA LYS B 88 6.35 7.80 -19.48
C LYS B 88 6.29 8.77 -20.64
N LEU B 89 6.20 8.26 -21.85
CA LEU B 89 6.15 9.15 -23.03
C LEU B 89 5.00 10.13 -22.92
N ALA B 90 3.81 9.62 -22.62
CA ALA B 90 2.58 10.40 -22.65
C ALA B 90 2.59 11.41 -21.52
N SER B 91 3.43 11.25 -20.50
CA SER B 91 3.52 12.23 -19.41
C SER B 91 4.78 13.07 -19.52
N GLU B 92 5.46 13.08 -20.68
CA GLU B 92 6.73 13.85 -20.88
C GLU B 92 6.67 14.73 -22.11
N GLY B 93 5.49 14.91 -22.71
CA GLY B 93 5.36 15.86 -23.79
C GLY B 93 5.28 15.26 -25.15
N TYR B 94 5.26 13.94 -25.25
CA TYR B 94 5.23 13.24 -26.54
C TYR B 94 3.78 13.09 -27.07
N ALA B 95 2.76 13.23 -26.25
CA ALA B 95 1.37 12.91 -26.61
C ALA B 95 0.57 14.14 -27.04
N LEU B 96 -0.22 13.96 -28.07
CA LEU B 96 -1.21 14.95 -28.50
C LEU B 96 -2.41 14.83 -27.60
N PRO B 97 -2.78 15.91 -26.89
CA PRO B 97 -3.99 15.84 -26.09
C PRO B 97 -5.20 15.72 -27.00
N TYR B 98 -6.04 14.74 -26.73
CA TYR B 98 -7.26 14.47 -27.53
C TYR B 98 -8.24 13.75 -26.64
N ASP B 99 -9.43 14.31 -26.53
CA ASP B 99 -10.52 13.76 -25.69
C ASP B 99 -11.37 12.83 -26.58
N SER B 100 -11.12 11.54 -26.56
CA SER B 100 -11.80 10.61 -27.49
C SER B 100 -13.30 10.63 -27.18
N PRO B 101 -14.14 10.89 -28.19
CA PRO B 101 -15.58 10.76 -27.98
C PRO B 101 -16.00 9.29 -27.74
N GLU B 102 -15.13 8.30 -27.89
CA GLU B 102 -15.48 6.88 -27.63
C GLU B 102 -15.07 6.48 -26.21
N ALA B 103 -14.43 7.36 -25.48
CA ALA B 103 -13.91 6.99 -24.15
C ALA B 103 -14.65 7.66 -23.02
N LYS B 104 -15.85 8.20 -23.27
CA LYS B 104 -16.55 8.94 -22.20
C LYS B 104 -16.77 8.07 -20.98
N ASN B 105 -16.99 6.78 -21.09
CA ASN B 105 -17.22 5.96 -19.87
C ASN B 105 -15.95 5.20 -19.42
N TRP B 106 -14.78 5.56 -19.92
CA TRP B 106 -13.53 4.95 -19.41
C TRP B 106 -13.37 5.37 -17.94
N PRO B 107 -12.97 4.46 -17.06
CA PRO B 107 -12.65 4.85 -15.68
C PRO B 107 -11.37 5.73 -15.73
N ALA B 108 -11.27 6.62 -14.74
CA ALA B 108 -10.11 7.49 -14.62
C ALA B 108 -8.80 6.69 -14.55
N ASN B 109 -8.80 5.48 -14.02
CA ASN B 109 -7.55 4.68 -13.92
C ASN B 109 -7.27 3.89 -15.20
N ALA B 110 -8.00 4.13 -16.27
CA ALA B 110 -7.81 3.49 -17.58
C ALA B 110 -7.48 4.54 -18.65
N ARG B 111 -7.12 5.75 -18.23
CA ARG B 111 -6.71 6.80 -19.17
C ARG B 111 -5.84 7.79 -18.41
N LEU B 112 -4.93 8.44 -19.13
CA LEU B 112 -4.14 9.54 -18.54
CA LEU B 112 -4.13 9.52 -18.54
C LEU B 112 -4.76 10.85 -18.93
N GLY B 113 -5.89 11.22 -18.33
CA GLY B 113 -6.66 12.36 -18.77
C GLY B 113 -6.97 12.25 -20.26
N ASN B 114 -6.55 13.23 -21.06
CA ASN B 114 -6.72 13.18 -22.53
C ASN B 114 -5.40 12.87 -23.23
N LEU B 115 -4.44 12.27 -22.59
CA LEU B 115 -3.11 12.02 -23.18
C LEU B 115 -2.98 10.63 -23.73
N ALA B 116 -3.57 9.65 -23.08
CA ALA B 116 -3.35 8.23 -23.42
C ALA B 116 -4.48 7.40 -22.91
N TYR B 117 -4.67 6.23 -23.50
CA TYR B 117 -5.86 5.41 -23.19
C TYR B 117 -5.54 3.94 -23.16
N SER B 118 -6.16 3.27 -22.21
CA SER B 118 -6.32 1.78 -22.24
C SER B 118 -7.10 1.37 -23.47
N THR B 119 -6.62 0.35 -24.13
CA THR B 119 -7.35 -0.25 -25.28
C THR B 119 -7.75 -1.68 -25.00
N THR B 120 -7.23 -2.34 -24.00
CA THR B 120 -7.46 -3.80 -23.80
C THR B 120 -7.41 -4.12 -22.31
N LEU B 121 -7.82 -5.32 -21.95
CA LEU B 121 -7.71 -5.80 -20.56
C LEU B 121 -7.27 -7.26 -20.66
N GLU B 122 -5.96 -7.47 -20.76
CA GLU B 122 -5.42 -8.74 -21.28
C GLU B 122 -4.75 -9.51 -20.17
N PRO B 123 -5.15 -10.76 -19.92
CA PRO B 123 -4.53 -11.49 -18.84
C PRO B 123 -3.17 -12.09 -19.18
N ALA B 124 -2.30 -12.15 -18.19
CA ALA B 124 -1.05 -12.98 -18.19
C ALA B 124 -1.47 -14.39 -17.72
N VAL B 125 -1.37 -15.34 -18.61
CA VAL B 125 -1.89 -16.72 -18.40
C VAL B 125 -0.75 -17.73 -18.42
N VAL B 126 -1.12 -18.97 -18.18
CA VAL B 126 -0.24 -20.14 -18.42
C VAL B 126 -0.64 -20.80 -19.73
N VAL B 127 0.33 -21.13 -20.55
CA VAL B 127 0.05 -22.01 -21.72
C VAL B 127 0.86 -23.29 -21.58
N TYR B 128 0.33 -24.36 -22.13
CA TYR B 128 1.03 -25.65 -22.02
C TYR B 128 0.73 -26.52 -23.24
N ASN B 129 1.54 -27.56 -23.42
CA ASN B 129 1.37 -28.51 -24.52
C ASN B 129 0.61 -29.73 -23.98
N LYS B 130 -0.63 -29.92 -24.43
CA LYS B 130 -1.51 -30.99 -23.92
C LYS B 130 -0.96 -32.38 -24.24
N ARG B 131 -0.04 -32.50 -25.19
CA ARG B 131 0.60 -33.82 -25.44
C ARG B 131 1.46 -34.21 -24.23
N PHE B 132 1.97 -33.27 -23.45
CA PHE B 132 2.97 -33.53 -22.38
C PHE B 132 2.40 -33.25 -21.00
N LEU B 133 1.44 -32.33 -20.86
CA LEU B 133 0.78 -32.04 -19.57
C LEU B 133 -0.71 -32.06 -19.83
N LYS B 134 -1.41 -32.92 -19.11
CA LYS B 134 -2.87 -32.95 -19.24
C LYS B 134 -3.45 -31.75 -18.49
N PRO B 135 -4.60 -31.23 -18.92
CA PRO B 135 -5.22 -30.10 -18.23
C PRO B 135 -5.31 -30.28 -16.70
N GLU B 136 -5.63 -31.50 -16.24
CA GLU B 136 -5.78 -31.76 -14.77
C GLU B 136 -4.43 -31.71 -14.08
N GLU B 137 -3.30 -31.75 -14.80
CA GLU B 137 -1.97 -31.67 -14.18
C GLU B 137 -1.55 -30.23 -13.97
N VAL B 138 -2.21 -29.28 -14.65
CA VAL B 138 -1.68 -27.90 -14.73
C VAL B 138 -2.29 -27.10 -13.62
N PRO B 139 -1.53 -26.74 -12.58
CA PRO B 139 -2.09 -25.97 -11.47
C PRO B 139 -2.50 -24.57 -11.96
N THR B 140 -3.44 -23.98 -11.24
CA THR B 140 -3.90 -22.61 -11.58
C THR B 140 -3.51 -21.64 -10.47
N THR B 141 -2.53 -21.95 -9.67
CA THR B 141 -2.02 -21.06 -8.60
C THR B 141 -0.51 -20.99 -8.73
N ARG B 142 0.07 -19.93 -8.18
CA ARG B 142 1.53 -19.77 -8.13
C ARG B 142 2.11 -20.85 -7.24
N GLU B 143 1.50 -21.09 -6.09
CA GLU B 143 2.07 -22.14 -5.19
C GLU B 143 1.99 -23.51 -5.88
N GLY B 144 0.91 -23.80 -6.58
CA GLY B 144 0.82 -25.09 -7.28
C GLY B 144 1.81 -25.19 -8.39
N LEU B 145 2.01 -24.13 -9.16
CA LEU B 145 3.02 -24.14 -10.23
C LEU B 145 4.43 -24.29 -9.64
N ALA B 146 4.69 -23.70 -8.49
CA ALA B 146 5.99 -23.87 -7.81
C ALA B 146 6.22 -25.36 -7.50
N ARG B 147 5.20 -26.04 -7.05
CA ARG B 147 5.24 -27.49 -6.73
C ARG B 147 5.47 -28.30 -7.99
N LEU B 148 4.75 -27.99 -9.09
CA LEU B 148 4.93 -28.69 -10.37
C LEU B 148 6.38 -28.58 -10.83
N LEU B 149 6.98 -27.39 -10.66
CA LEU B 149 8.33 -27.13 -11.16
C LEU B 149 9.40 -27.78 -10.28
N GLN B 150 9.05 -28.42 -9.17
CA GLN B 150 10.01 -29.23 -8.42
C GLN B 150 10.21 -30.57 -9.15
N GLU B 151 9.29 -30.96 -10.02
CA GLU B 151 9.32 -32.32 -10.60
C GLU B 151 10.49 -32.41 -11.58
N PRO B 152 11.28 -33.52 -11.55
CA PRO B 152 12.41 -33.64 -12.48
C PRO B 152 11.96 -33.54 -13.96
N ARG B 153 10.73 -33.98 -14.30
CA ARG B 153 10.31 -33.96 -15.72
C ARG B 153 10.19 -32.52 -16.21
N MET B 154 10.07 -31.55 -15.31
CA MET B 154 9.84 -30.14 -15.70
C MET B 154 11.16 -29.44 -15.96
N ARG B 155 12.28 -30.02 -15.61
CA ARG B 155 13.58 -29.32 -15.75
C ARG B 155 13.84 -29.09 -17.23
N GLY B 156 14.10 -27.84 -17.60
CA GLY B 156 14.32 -27.48 -19.01
C GLY B 156 12.99 -27.36 -19.76
N ARG B 157 11.83 -27.50 -19.09
CA ARG B 157 10.55 -27.60 -19.83
C ARG B 157 9.66 -26.39 -19.52
N VAL B 158 10.26 -25.30 -19.02
CA VAL B 158 9.50 -24.11 -18.61
C VAL B 158 10.07 -22.90 -19.35
N ALA B 159 9.15 -22.06 -19.83
CA ALA B 159 9.45 -20.76 -20.42
C ALA B 159 8.78 -19.67 -19.61
N THR B 160 9.41 -18.50 -19.53
CA THR B 160 8.73 -17.29 -19.02
C THR B 160 9.48 -16.10 -19.66
N TRP B 161 9.05 -14.90 -19.25
CA TRP B 161 9.65 -13.67 -19.78
C TRP B 161 11.09 -13.49 -19.30
N ASP B 162 11.85 -12.82 -20.13
CA ASP B 162 13.08 -12.14 -19.72
C ASP B 162 12.75 -10.68 -19.47
N PRO B 163 12.61 -10.23 -18.23
CA PRO B 163 12.20 -8.86 -17.94
C PRO B 163 13.35 -7.90 -18.19
N GLU B 164 14.57 -8.40 -18.45
CA GLU B 164 15.70 -7.52 -18.78
C GLU B 164 15.73 -7.27 -20.28
N ARG B 165 15.01 -7.99 -21.08
CA ARG B 165 15.02 -7.85 -22.54
C ARG B 165 13.66 -7.48 -23.10
N SER B 166 12.56 -7.73 -22.39
CA SER B 166 11.25 -7.31 -22.84
C SER B 166 10.67 -6.34 -21.84
N ALA B 167 10.33 -5.11 -22.30
CA ALA B 167 9.80 -4.11 -21.38
C ALA B 167 8.43 -4.55 -20.81
N VAL B 168 7.58 -5.21 -21.60
CA VAL B 168 6.30 -5.72 -21.06
C VAL B 168 6.55 -6.98 -20.20
N GLY B 169 7.57 -7.77 -20.50
CA GLY B 169 7.91 -8.85 -19.56
C GLY B 169 8.27 -8.29 -18.19
N PHE B 170 8.92 -7.13 -18.13
CA PHE B 170 9.08 -6.40 -16.86
C PHE B 170 7.74 -5.92 -16.31
N THR B 171 6.90 -5.25 -17.09
CA THR B 171 5.54 -4.84 -16.66
C THR B 171 4.84 -6.01 -15.91
N ILE B 172 4.78 -7.15 -16.56
CA ILE B 172 3.98 -8.30 -16.08
C ILE B 172 4.63 -8.90 -14.84
N LEU B 173 5.91 -9.22 -14.88
CA LEU B 173 6.54 -9.89 -13.71
C LEU B 173 6.69 -8.92 -12.56
N LYS B 174 6.94 -7.61 -12.80
CA LYS B 174 7.01 -6.63 -11.71
C LYS B 174 5.66 -6.54 -11.00
N ALA B 175 4.57 -6.54 -11.76
CA ALA B 175 3.21 -6.45 -11.15
C ALA B 175 2.95 -7.70 -10.33
N ASP B 176 3.37 -8.85 -10.87
CA ASP B 176 3.18 -10.15 -10.15
C ASP B 176 3.95 -10.09 -8.82
N TYR B 177 5.22 -9.78 -8.88
CA TYR B 177 6.09 -9.59 -7.69
C TYR B 177 5.46 -8.60 -6.70
N ASP B 178 4.93 -7.48 -7.17
CA ASP B 178 4.38 -6.44 -6.26
C ASP B 178 3.14 -6.94 -5.55
N ARG B 179 2.31 -7.73 -6.22
CA ARG B 179 0.92 -8.01 -5.73
CA ARG B 179 0.92 -8.01 -5.74
C ARG B 179 0.86 -9.38 -5.04
N PHE B 180 1.67 -10.36 -5.45
CA PHE B 180 1.49 -11.76 -5.01
C PHE B 180 2.74 -12.26 -4.32
N PRO B 181 2.74 -12.39 -2.97
CA PRO B 181 3.89 -13.00 -2.29
C PRO B 181 4.30 -14.37 -2.86
N ALA B 182 3.35 -15.16 -3.34
CA ALA B 182 3.63 -16.53 -3.85
C ALA B 182 4.50 -16.42 -5.11
N PHE B 183 4.53 -15.26 -5.76
CA PHE B 183 5.45 -15.09 -6.90
C PHE B 183 6.89 -15.44 -6.53
N GLN B 184 7.33 -15.10 -5.31
CA GLN B 184 8.72 -15.33 -4.88
C GLN B 184 9.02 -16.82 -4.91
N GLU B 185 8.11 -17.66 -4.37
CA GLU B 185 8.27 -19.14 -4.41
C GLU B 185 8.31 -19.62 -5.87
N LEU B 186 7.42 -19.07 -6.70
CA LEU B 186 7.39 -19.46 -8.13
C LEU B 186 8.71 -19.11 -8.81
N ALA B 187 9.25 -17.90 -8.56
CA ALA B 187 10.50 -17.47 -9.23
C ALA B 187 11.65 -18.40 -8.81
N ARG B 188 11.71 -18.80 -7.54
CA ARG B 188 12.76 -19.77 -7.13
C ARG B 188 12.56 -21.08 -7.87
N ALA B 189 11.32 -21.50 -8.09
CA ALA B 189 11.01 -22.75 -8.80
C ALA B 189 11.37 -22.59 -10.28
N PHE B 190 11.28 -21.39 -10.87
CA PHE B 190 11.82 -21.18 -12.23
C PHE B 190 13.33 -21.49 -12.24
N GLY B 191 14.06 -21.12 -11.17
CA GLY B 191 15.48 -21.47 -11.00
C GLY B 191 15.68 -22.96 -10.93
N LYS B 192 14.89 -23.60 -10.08
CA LYS B 192 14.95 -25.09 -9.90
C LYS B 192 14.71 -25.77 -11.25
N ALA B 193 13.69 -25.35 -12.01
CA ALA B 193 13.35 -25.97 -13.29
C ALA B 193 14.23 -25.47 -14.43
N GLN B 194 15.19 -24.59 -14.17
CA GLN B 194 16.07 -24.02 -15.23
C GLN B 194 15.20 -23.41 -16.36
N ALA B 195 14.27 -22.54 -15.98
CA ALA B 195 13.37 -21.86 -16.94
C ALA B 195 14.21 -21.11 -17.97
N ALA B 196 13.77 -21.19 -19.21
CA ALA B 196 14.30 -20.43 -20.34
C ALA B 196 13.52 -19.13 -20.42
N LEU B 197 14.24 -18.02 -20.64
CA LEU B 197 13.56 -16.68 -20.59
C LEU B 197 13.50 -16.12 -22.01
N TYR B 198 12.38 -15.59 -22.41
CA TYR B 198 12.12 -15.16 -23.80
C TYR B 198 11.71 -13.70 -23.83
N SER B 199 12.07 -13.02 -24.91
CA SER B 199 11.74 -11.58 -25.08
C SER B 199 10.46 -11.39 -25.90
N SER B 200 9.81 -12.49 -26.37
CA SER B 200 8.54 -12.36 -27.10
C SER B 200 7.69 -13.57 -26.79
N THR B 201 6.39 -13.37 -26.88
CA THR B 201 5.42 -14.47 -26.78
C THR B 201 5.63 -15.48 -27.87
N GLY B 202 5.80 -15.05 -29.13
CA GLY B 202 5.95 -16.01 -30.23
C GLY B 202 7.13 -16.95 -30.02
N ALA B 203 8.25 -16.43 -29.49
CA ALA B 203 9.46 -17.25 -29.27
C ALA B 203 9.14 -18.31 -28.22
N ALA B 204 8.46 -17.95 -27.14
CA ALA B 204 8.09 -18.92 -26.09
C ALA B 204 7.08 -19.94 -26.66
N PHE B 205 6.07 -19.47 -27.39
CA PHE B 205 5.01 -20.35 -27.92
C PHE B 205 5.58 -21.38 -28.86
N GLU B 206 6.55 -20.98 -29.66
CA GLU B 206 7.10 -21.95 -30.66
C GLU B 206 7.73 -23.13 -29.91
N LYS B 207 8.35 -22.87 -28.77
CA LYS B 207 9.05 -23.89 -27.98
C LYS B 207 8.01 -24.75 -27.28
N VAL B 208 6.91 -24.16 -26.79
CA VAL B 208 5.84 -24.98 -26.13
C VAL B 208 5.22 -25.88 -27.19
N ILE B 209 4.98 -25.33 -28.37
CA ILE B 209 4.30 -26.09 -29.46
C ILE B 209 5.20 -27.23 -29.91
N SER B 210 6.52 -27.06 -29.96
CA SER B 210 7.44 -28.13 -30.43
C SER B 210 7.62 -29.18 -29.33
N GLY B 211 7.25 -28.86 -28.08
CA GLY B 211 7.49 -29.72 -26.91
C GLY B 211 8.91 -29.53 -26.35
N GLU B 212 9.73 -28.62 -26.87
CA GLU B 212 11.03 -28.28 -26.22
C GLU B 212 10.76 -27.83 -24.79
N HIS B 213 9.68 -27.05 -24.62
CA HIS B 213 9.10 -26.71 -23.30
C HIS B 213 7.69 -27.26 -23.22
N TYR B 214 7.21 -27.53 -22.02
CA TYR B 214 5.83 -28.05 -21.79
C TYR B 214 4.89 -26.90 -21.35
N LEU B 215 5.44 -25.84 -20.79
CA LEU B 215 4.63 -24.83 -20.10
C LEU B 215 5.33 -23.47 -20.19
N ALA B 216 4.55 -22.41 -20.37
CA ALA B 216 5.06 -21.04 -20.43
C ALA B 216 4.18 -20.23 -19.49
N TYR B 217 4.82 -19.39 -18.66
CA TYR B 217 4.11 -18.58 -17.65
C TYR B 217 4.18 -17.11 -18.02
N GLY B 218 3.02 -16.42 -18.02
CA GLY B 218 2.99 -14.98 -18.01
C GLY B 218 2.78 -14.34 -19.38
N PHE B 219 2.58 -15.12 -20.42
CA PHE B 219 2.33 -14.54 -21.77
C PHE B 219 0.86 -14.21 -21.98
N PHE B 220 0.55 -13.43 -23.02
CA PHE B 220 -0.81 -12.86 -23.23
C PHE B 220 -1.82 -13.94 -23.54
N GLY B 221 -2.94 -13.93 -22.81
CA GLY B 221 -4.10 -14.79 -23.18
C GLY B 221 -4.59 -14.53 -24.60
N SER B 222 -4.53 -13.29 -25.06
CA SER B 222 -4.99 -12.89 -26.40
C SER B 222 -4.30 -13.77 -27.43
N TYR B 223 -2.97 -13.78 -27.42
CA TYR B 223 -2.19 -14.52 -28.40
C TYR B 223 -2.46 -16.03 -28.29
N ALA B 224 -2.60 -16.54 -27.09
CA ALA B 224 -2.87 -17.98 -26.87
C ALA B 224 -4.21 -18.34 -27.49
N LEU B 225 -5.26 -17.56 -27.27
CA LEU B 225 -6.60 -17.86 -27.81
C LEU B 225 -6.52 -17.92 -29.32
N LEU B 226 -5.82 -16.99 -29.95
CA LEU B 226 -5.75 -17.02 -31.42
C LEU B 226 -4.90 -18.19 -31.89
N ARG B 227 -3.82 -18.49 -31.22
CA ARG B 227 -2.96 -19.59 -31.66
C ARG B 227 -3.72 -20.94 -31.54
N GLN B 228 -4.53 -21.09 -30.52
CA GLN B 228 -5.31 -22.35 -30.27
C GLN B 228 -6.23 -22.63 -31.45
N ARG B 229 -6.61 -21.62 -32.23
CA ARG B 229 -7.48 -21.85 -33.40
C ARG B 229 -6.76 -22.78 -34.36
N THR B 230 -5.46 -22.73 -34.47
CA THR B 230 -4.72 -23.60 -35.43
C THR B 230 -3.85 -24.65 -34.72
N VAL B 231 -3.67 -24.59 -33.41
CA VAL B 231 -2.82 -25.56 -32.66
C VAL B 231 -3.70 -26.18 -31.58
N LYS B 232 -4.25 -27.36 -31.83
CA LYS B 232 -5.20 -27.94 -30.83
C LYS B 232 -4.45 -28.50 -29.62
N ASP B 233 -3.15 -28.70 -29.68
CA ASP B 233 -2.38 -29.15 -28.48
C ASP B 233 -2.09 -27.97 -27.52
N LEU B 234 -2.39 -26.73 -27.90
CA LEU B 234 -2.04 -25.60 -27.00
C LEU B 234 -3.15 -25.44 -25.97
N GLY B 235 -2.82 -25.62 -24.70
CA GLY B 235 -3.75 -25.41 -23.60
C GLY B 235 -3.54 -24.08 -22.92
N ILE B 236 -4.61 -23.53 -22.33
CA ILE B 236 -4.51 -22.27 -21.59
C ILE B 236 -5.02 -22.51 -20.19
N ALA B 237 -4.28 -22.12 -19.16
CA ALA B 237 -4.76 -22.13 -17.77
C ALA B 237 -4.74 -20.69 -17.25
N TYR B 238 -5.82 -20.28 -16.60
CA TYR B 238 -5.96 -18.95 -15.98
C TYR B 238 -5.65 -19.10 -14.51
N LEU B 239 -4.92 -18.17 -13.93
CA LEU B 239 -4.55 -18.22 -12.51
C LEU B 239 -5.75 -17.79 -11.64
N THR B 240 -6.10 -18.65 -10.71
CA THR B 240 -7.30 -18.47 -9.85
C THR B 240 -6.88 -17.86 -8.51
N ASP B 241 -5.57 -17.77 -8.22
CA ASP B 241 -5.09 -17.10 -6.98
C ASP B 241 -4.99 -15.62 -7.29
N GLY B 242 -5.00 -15.23 -8.54
CA GLY B 242 -4.85 -13.83 -8.88
C GLY B 242 -4.26 -13.73 -10.26
N THR B 243 -4.81 -12.88 -11.11
CA THR B 243 -4.33 -12.73 -12.49
C THR B 243 -3.93 -11.28 -12.70
N VAL B 244 -2.75 -11.07 -13.24
CA VAL B 244 -2.29 -9.74 -13.67
C VAL B 244 -2.93 -9.49 -15.04
N ALA B 245 -3.51 -8.32 -15.22
CA ALA B 245 -4.01 -7.91 -16.54
C ALA B 245 -3.29 -6.65 -16.95
N ILE B 246 -2.74 -6.66 -18.16
CA ILE B 246 -2.15 -5.46 -18.76
C ILE B 246 -3.25 -4.75 -19.57
N GLN B 247 -3.05 -3.45 -19.79
CA GLN B 247 -3.90 -2.64 -20.67
C GLN B 247 -2.99 -2.05 -21.73
N ARG B 248 -3.10 -2.48 -22.97
CA ARG B 248 -2.29 -1.91 -24.03
C ARG B 248 -2.61 -0.42 -24.13
N VAL B 249 -1.60 0.43 -24.08
CA VAL B 249 -1.80 1.87 -24.04
C VAL B 249 -1.59 2.46 -25.42
N ALA B 250 -2.55 3.24 -25.87
CA ALA B 250 -2.43 3.97 -27.16
C ALA B 250 -2.36 5.46 -26.87
N PHE B 251 -1.52 6.16 -27.63
CA PHE B 251 -1.54 7.63 -27.62
C PHE B 251 -1.10 8.09 -29.02
N ILE B 252 -1.47 9.31 -29.32
CA ILE B 252 -1.18 9.99 -30.59
C ILE B 252 0.11 10.78 -30.39
N ASN B 253 1.02 10.70 -31.34
CA ASN B 253 2.24 11.53 -31.34
C ASN B 253 1.84 13.02 -31.43
N LYS B 254 2.31 13.83 -30.49
CA LYS B 254 2.10 15.30 -30.53
C LYS B 254 2.58 15.83 -31.91
N ARG B 255 3.65 15.26 -32.41
CA ARG B 255 4.35 15.68 -33.67
C ARG B 255 3.94 14.79 -34.84
N ALA B 256 2.79 14.11 -34.76
CA ALA B 256 2.28 13.28 -35.87
C ALA B 256 2.20 14.16 -37.12
N ALA B 257 2.59 13.60 -38.27
CA ALA B 257 2.31 14.17 -39.60
C ALA B 257 0.82 14.02 -39.90
N HIS B 258 0.20 12.95 -39.41
CA HIS B 258 -1.21 12.57 -39.70
C HIS B 258 -2.02 12.45 -38.42
N PRO B 259 -2.16 13.54 -37.64
CA PRO B 259 -2.80 13.45 -36.32
C PRO B 259 -4.29 13.07 -36.41
N ASN B 260 -4.99 13.52 -37.44
CA ASN B 260 -6.43 13.27 -37.61
C ASN B 260 -6.65 11.79 -37.95
N ALA B 261 -5.84 11.21 -38.82
CA ALA B 261 -5.91 9.75 -39.09
C ALA B 261 -5.66 9.01 -37.78
N ALA B 262 -4.76 9.50 -36.96
CA ALA B 262 -4.45 8.87 -35.65
C ALA B 262 -5.65 8.99 -34.72
N LYS B 263 -6.32 10.15 -34.70
CA LYS B 263 -7.55 10.30 -33.90
C LYS B 263 -8.54 9.23 -34.35
N LEU B 264 -8.75 9.10 -35.67
CA LEU B 264 -9.78 8.15 -36.14
C LEU B 264 -9.45 6.75 -35.67
N PHE B 265 -8.18 6.36 -35.73
CA PHE B 265 -7.76 5.00 -35.35
C PHE B 265 -7.92 4.78 -33.87
N LEU B 266 -7.53 5.76 -33.05
CA LEU B 266 -7.74 5.64 -31.59
C LEU B 266 -9.24 5.48 -31.30
N ASP B 267 -10.08 6.35 -31.89
CA ASP B 267 -11.54 6.28 -31.65
C ASP B 267 -12.05 4.92 -32.09
N TYR B 268 -11.51 4.42 -33.18
CA TYR B 268 -11.89 3.08 -33.69
C TYR B 268 -11.52 2.03 -32.63
N LEU B 269 -10.26 2.00 -32.16
CA LEU B 269 -9.85 1.02 -31.11
C LEU B 269 -10.77 1.07 -29.87
N LEU B 270 -11.24 2.25 -29.47
CA LEU B 270 -12.03 2.42 -28.23
C LEU B 270 -13.50 2.17 -28.47
N SER B 271 -13.93 2.20 -29.71
CA SER B 271 -15.35 2.10 -30.12
C SER B 271 -15.93 0.72 -29.78
N LEU B 272 -17.25 0.66 -29.68
CA LEU B 272 -17.91 -0.67 -29.58
C LEU B 272 -17.50 -1.52 -30.76
N ARG B 273 -17.49 -0.93 -31.97
CA ARG B 273 -17.14 -1.73 -33.16
C ARG B 273 -15.73 -2.36 -33.02
N GLY B 274 -14.72 -1.55 -32.66
CA GLY B 274 -13.34 -2.03 -32.55
C GLY B 274 -13.21 -3.03 -31.39
N GLN B 275 -13.85 -2.71 -30.30
CA GLN B 275 -13.70 -3.59 -29.09
C GLN B 275 -14.43 -4.91 -29.34
N ASN B 276 -15.56 -4.88 -30.03
CA ASN B 276 -16.27 -6.14 -30.39
C ASN B 276 -15.41 -6.95 -31.37
N LEU B 277 -14.75 -6.31 -32.30
CA LEU B 277 -13.88 -7.04 -33.25
CA LEU B 277 -13.87 -7.04 -33.25
C LEU B 277 -12.70 -7.66 -32.48
N MET B 278 -12.15 -6.93 -31.49
CA MET B 278 -11.12 -7.50 -30.61
C MET B 278 -11.68 -8.77 -30.00
N ALA B 279 -12.83 -8.71 -29.35
CA ALA B 279 -13.36 -9.81 -28.52
C ALA B 279 -13.70 -11.04 -29.38
N TYR B 280 -14.22 -10.80 -30.58
CA TYR B 280 -14.85 -11.86 -31.38
C TYR B 280 -13.89 -12.45 -32.39
N THR B 281 -13.12 -11.60 -33.07
CA THR B 281 -12.40 -11.95 -34.29
C THR B 281 -10.87 -11.93 -34.09
N ALA B 282 -10.33 -10.85 -33.54
CA ALA B 282 -8.88 -10.71 -33.29
C ALA B 282 -8.46 -11.54 -32.09
N LEU B 283 -9.41 -11.86 -31.22
CA LEU B 283 -9.22 -12.57 -29.93
C LEU B 283 -8.21 -11.82 -29.10
N ILE B 284 -8.31 -10.50 -29.13
CA ILE B 284 -7.65 -9.63 -28.13
C ILE B 284 -8.63 -9.35 -27.02
N PHE B 285 -8.25 -9.59 -25.77
CA PHE B 285 -9.18 -9.38 -24.61
C PHE B 285 -9.53 -7.91 -24.50
N ALA B 286 -10.79 -7.56 -24.79
CA ALA B 286 -11.26 -6.19 -24.89
C ALA B 286 -11.26 -5.51 -23.51
N ARG B 287 -11.20 -4.18 -23.54
CA ARG B 287 -11.33 -3.35 -22.33
C ARG B 287 -12.82 -3.12 -22.05
N ARG B 288 -13.65 -2.94 -23.07
CA ARG B 288 -15.08 -2.63 -22.82
C ARG B 288 -15.81 -3.85 -22.30
N GLU B 289 -16.74 -3.65 -21.38
CA GLU B 289 -17.53 -4.81 -20.86
CA GLU B 289 -17.56 -4.77 -20.83
C GLU B 289 -18.63 -5.18 -21.86
N THR B 290 -19.10 -4.26 -22.70
CA THR B 290 -20.27 -4.58 -23.59
C THR B 290 -19.77 -5.17 -24.90
N VAL B 291 -19.22 -6.36 -24.85
CA VAL B 291 -18.67 -7.01 -26.04
C VAL B 291 -19.19 -8.42 -26.04
N VAL B 292 -19.20 -9.00 -27.24
CA VAL B 292 -19.54 -10.41 -27.46
C VAL B 292 -18.32 -11.09 -28.08
N GLY B 293 -17.95 -12.25 -27.58
CA GLY B 293 -16.86 -13.06 -28.16
C GLY B 293 -16.18 -13.90 -27.12
N GLU B 294 -15.07 -14.50 -27.48
CA GLU B 294 -14.33 -15.35 -26.53
C GLU B 294 -13.45 -14.47 -25.64
N ALA B 295 -12.97 -13.33 -26.15
CA ALA B 295 -11.88 -12.57 -25.49
C ALA B 295 -12.50 -11.34 -24.85
N THR B 296 -13.21 -11.55 -23.77
CA THR B 296 -14.05 -10.51 -23.11
C THR B 296 -13.70 -10.43 -21.63
N PRO B 297 -13.97 -9.29 -20.98
CA PRO B 297 -13.76 -9.20 -19.52
C PRO B 297 -14.63 -10.25 -18.78
N GLN B 298 -15.88 -10.43 -19.20
CA GLN B 298 -16.79 -11.45 -18.57
C GLN B 298 -16.12 -12.82 -18.66
N ALA B 299 -15.59 -13.19 -19.84
CA ALA B 299 -14.96 -14.52 -20.00
C ALA B 299 -13.74 -14.64 -19.08
N LEU B 300 -12.95 -13.59 -18.98
CA LEU B 300 -11.78 -13.55 -18.10
C LEU B 300 -12.24 -13.74 -16.66
N TYR B 301 -13.24 -12.96 -16.23
CA TYR B 301 -13.71 -13.03 -14.83
C TYR B 301 -14.20 -14.43 -14.54
N LYS B 302 -14.94 -15.05 -15.44
CA LYS B 302 -15.44 -16.40 -15.16
C LYS B 302 -14.26 -17.36 -15.01
N ALA B 303 -13.27 -17.24 -15.89
CA ALA B 303 -12.11 -18.18 -15.95
C ALA B 303 -11.31 -18.08 -14.66
N VAL B 304 -11.19 -16.91 -14.06
CA VAL B 304 -10.35 -16.75 -12.84
C VAL B 304 -11.17 -16.90 -11.56
N GLY B 305 -12.49 -16.94 -11.63
CA GLY B 305 -13.34 -17.12 -10.44
C GLY B 305 -13.73 -15.80 -9.85
N GLY B 306 -13.75 -14.74 -10.63
CA GLY B 306 -14.37 -13.47 -10.24
C GLY B 306 -13.51 -12.27 -10.58
N LYS B 307 -14.17 -11.16 -10.82
CA LYS B 307 -13.50 -9.90 -11.17
C LYS B 307 -12.54 -9.49 -10.07
N ASP B 308 -12.83 -9.83 -8.81
CA ASP B 308 -11.93 -9.43 -7.69
C ASP B 308 -10.59 -10.20 -7.77
N LYS B 309 -10.49 -11.21 -8.62
CA LYS B 309 -9.23 -11.98 -8.75
C LYS B 309 -8.36 -11.36 -9.84
N VAL B 310 -8.84 -10.36 -10.55
CA VAL B 310 -8.00 -9.72 -11.61
C VAL B 310 -7.39 -8.42 -11.08
N TYR B 311 -6.07 -8.28 -11.14
CA TYR B 311 -5.33 -7.03 -10.81
C TYR B 311 -5.03 -6.36 -12.15
N ALA B 312 -5.86 -5.39 -12.53
CA ALA B 312 -5.64 -4.61 -13.76
C ALA B 312 -4.59 -3.54 -13.41
N ILE B 313 -3.47 -3.55 -14.09
CA ILE B 313 -2.47 -2.47 -13.93
C ILE B 313 -3.10 -1.22 -14.44
N PRO B 314 -3.13 -0.13 -13.67
CA PRO B 314 -3.80 1.08 -14.17
C PRO B 314 -2.96 1.86 -15.18
N VAL B 315 -3.66 2.60 -16.05
CA VAL B 315 -3.00 3.55 -16.95
C VAL B 315 -2.86 4.83 -16.16
N SER B 316 -1.79 4.96 -15.40
CA SER B 316 -1.61 6.00 -14.40
C SER B 316 -0.15 6.39 -14.30
N THR B 317 0.15 7.64 -13.98
CA THR B 317 1.52 8.07 -13.67
C THR B 317 2.05 7.39 -12.42
N GLU B 318 1.19 6.73 -11.61
CA GLU B 318 1.70 6.09 -10.40
C GLU B 318 2.56 4.88 -10.78
N ILE B 319 2.34 4.29 -11.95
CA ILE B 319 3.05 3.05 -12.32
C ILE B 319 4.50 3.40 -12.69
N LEU B 320 4.85 4.69 -12.85
CA LEU B 320 6.25 5.08 -13.10
C LEU B 320 7.13 4.80 -11.90
N LYS B 321 6.58 4.45 -10.76
CA LYS B 321 7.36 3.94 -9.62
C LYS B 321 8.17 2.74 -10.07
N ASN B 322 7.61 1.93 -11.00
CA ASN B 322 8.32 0.69 -11.42
C ASN B 322 9.58 1.04 -12.20
N LEU B 323 9.74 2.26 -12.69
CA LEU B 323 10.98 2.66 -13.44
C LEU B 323 11.94 3.34 -12.50
N ASP B 324 11.57 3.57 -11.26
CA ASP B 324 12.53 4.14 -10.27
C ASP B 324 13.72 3.20 -10.18
N PRO B 325 14.96 3.71 -10.25
CA PRO B 325 16.15 2.81 -10.12
C PRO B 325 16.12 1.89 -8.92
N ALA B 326 15.75 2.37 -7.72
CA ALA B 326 15.76 1.50 -6.55
C ALA B 326 14.67 0.44 -6.63
N GLU B 327 13.55 0.78 -7.20
CA GLU B 327 12.43 -0.20 -7.32
C GLU B 327 12.82 -1.27 -8.37
N ARG B 328 13.37 -0.86 -9.49
CA ARG B 328 13.87 -1.79 -10.52
C ARG B 328 14.93 -2.67 -9.91
N MET B 329 15.85 -2.11 -9.11
CA MET B 329 17.00 -2.85 -8.53
C MET B 329 16.48 -3.93 -7.61
N ARG B 330 15.47 -3.59 -6.80
CA ARG B 330 14.94 -4.56 -5.78
C ARG B 330 14.34 -5.76 -6.54
N PHE B 331 13.54 -5.46 -7.57
CA PHE B 331 12.87 -6.52 -8.37
C PHE B 331 13.95 -7.34 -9.08
N LEU B 332 14.83 -6.68 -9.83
CA LEU B 332 15.78 -7.44 -10.68
C LEU B 332 16.79 -8.22 -9.84
N THR B 333 17.20 -7.72 -8.67
CA THR B 333 18.16 -8.45 -7.84
C THR B 333 17.45 -9.74 -7.39
N PHE B 334 16.22 -9.60 -6.92
CA PHE B 334 15.41 -10.76 -6.46
C PHE B 334 15.28 -11.76 -7.60
N TRP B 335 14.85 -11.27 -8.75
CA TRP B 335 14.58 -12.10 -9.96
C TRP B 335 15.82 -12.87 -10.40
N ARG B 336 16.93 -12.18 -10.61
CA ARG B 336 18.16 -12.78 -11.15
C ARG B 336 18.66 -13.88 -10.22
N GLN B 337 18.59 -13.65 -8.92
CA GLN B 337 19.07 -14.62 -7.91
CA GLN B 337 19.07 -14.63 -7.89
C GLN B 337 18.10 -15.82 -7.89
N ALA B 338 16.79 -15.59 -8.02
CA ALA B 338 15.81 -16.69 -7.92
C ALA B 338 15.94 -17.58 -9.17
N VAL B 339 16.02 -17.00 -10.36
CA VAL B 339 15.89 -17.75 -11.64
C VAL B 339 17.22 -18.36 -12.08
N ARG B 340 18.34 -17.93 -11.54
CA ARG B 340 19.63 -18.56 -11.89
C ARG B 340 19.90 -19.77 -10.96
N GLY B 341 19.15 -19.92 -9.86
CA GLY B 341 19.25 -21.02 -8.89
C GLY B 341 18.58 -22.29 -9.36
N SER C 5 20.08 -18.27 44.56
CA SER C 5 20.78 -17.11 43.95
C SER C 5 19.88 -15.88 44.02
N ARG C 6 20.44 -14.69 43.82
CA ARG C 6 19.77 -13.38 43.75
C ARG C 6 20.18 -12.76 42.42
N PRO C 7 19.26 -12.18 41.62
CA PRO C 7 19.63 -11.50 40.38
C PRO C 7 20.69 -10.40 40.60
N ALA C 8 21.54 -10.18 39.59
CA ALA C 8 22.72 -9.28 39.65
C ALA C 8 22.34 -7.83 39.31
N SER C 9 21.28 -7.29 39.92
CA SER C 9 20.80 -5.91 39.62
C SER C 9 21.59 -4.89 40.46
N ASP C 10 21.85 -3.73 39.88
CA ASP C 10 22.71 -2.70 40.48
C ASP C 10 22.11 -2.20 41.78
N PRO C 11 22.91 -2.03 42.84
CA PRO C 11 22.41 -1.43 44.08
C PRO C 11 21.73 -0.05 43.93
N GLN C 12 22.17 0.79 42.98
CA GLN C 12 21.53 2.12 42.77
C GLN C 12 20.11 1.91 42.20
N VAL C 13 19.92 0.87 41.39
CA VAL C 13 18.58 0.51 40.84
C VAL C 13 17.69 0.05 42.00
N VAL C 14 18.21 -0.76 42.90
CA VAL C 14 17.40 -1.24 44.06
C VAL C 14 16.99 -0.03 44.90
N GLU C 15 17.90 0.91 45.17
CA GLU C 15 17.62 2.09 46.02
C GLU C 15 16.55 2.93 45.33
N ALA C 16 16.66 3.10 44.02
CA ALA C 16 15.67 3.92 43.28
C ALA C 16 14.32 3.18 43.28
N ALA C 17 14.32 1.86 43.17
CA ALA C 17 13.08 1.03 43.21
C ALA C 17 12.44 1.18 44.60
N ARG C 18 13.22 1.35 45.65
CA ARG C 18 12.63 1.48 47.01
C ARG C 18 11.88 2.81 47.09
N LYS C 19 12.41 3.87 46.48
CA LYS C 19 11.71 5.19 46.44
C LYS C 19 10.40 5.07 45.63
N GLU C 20 10.39 4.28 44.56
CA GLU C 20 9.21 4.07 43.67
C GLU C 20 8.13 3.28 44.42
N GLY C 21 8.51 2.12 44.96
CA GLY C 21 7.65 1.36 45.88
C GLY C 21 6.55 0.59 45.15
N ARG C 22 6.49 0.61 43.82
CA ARG C 22 5.35 0.07 43.06
C ARG C 22 5.83 -0.46 41.71
N LEU C 23 5.12 -1.46 41.18
CA LEU C 23 5.43 -2.03 39.86
C LEU C 23 4.12 -2.40 39.18
N ILE C 24 3.83 -1.78 38.04
CA ILE C 24 2.60 -2.08 37.26
C ILE C 24 3.01 -2.92 36.05
N ILE C 25 2.50 -4.14 36.00
CA ILE C 25 2.78 -5.05 34.88
C ILE C 25 1.53 -5.20 34.03
N TYR C 26 1.66 -5.13 32.70
CA TYR C 26 0.62 -5.62 31.79
C TYR C 26 1.17 -6.89 31.19
N SER C 27 0.49 -8.01 31.40
CA SER C 27 1.03 -9.30 30.95
C SER C 27 -0.06 -10.19 30.38
N SER C 28 0.26 -10.96 29.35
CA SER C 28 -0.68 -12.00 28.86
C SER C 28 -0.42 -13.31 29.58
N THR C 29 0.60 -13.43 30.42
CA THR C 29 0.87 -14.70 31.15
C THR C 29 -0.25 -14.90 32.16
N ASP C 30 -1.01 -15.97 31.98
CA ASP C 30 -2.10 -16.27 32.92
C ASP C 30 -1.55 -16.19 34.36
N GLN C 31 -2.29 -15.56 35.24
CA GLN C 31 -1.81 -15.40 36.63
C GLN C 31 -1.64 -16.76 37.30
N SER C 32 -2.43 -17.77 36.91
CA SER C 32 -2.25 -19.16 37.46
C SER C 32 -0.82 -19.62 37.19
N SER C 33 -0.21 -19.25 36.04
CA SER C 33 1.17 -19.63 35.70
C SER C 33 2.18 -18.67 36.36
N ALA C 34 1.87 -17.38 36.42
CA ALA C 34 2.81 -16.36 36.91
C ALA C 34 2.88 -16.31 38.44
N GLN C 35 1.90 -16.84 39.18
CA GLN C 35 1.76 -16.44 40.61
C GLN C 35 3.05 -16.66 41.43
N ALA C 36 3.71 -17.81 41.26
CA ALA C 36 4.88 -18.09 42.09
C ALA C 36 6.01 -17.08 41.79
N LEU C 37 6.10 -16.58 40.55
CA LEU C 37 7.11 -15.57 40.19
C LEU C 37 6.79 -14.29 40.95
N LEU C 38 5.51 -13.92 41.02
CA LEU C 38 5.12 -12.67 41.72
C LEU C 38 5.44 -12.75 43.22
N ASP C 39 5.11 -13.88 43.84
CA ASP C 39 5.39 -14.05 45.28
C ASP C 39 6.90 -14.12 45.51
N ASP C 40 7.65 -14.78 44.67
CA ASP C 40 9.12 -14.89 44.87
C ASP C 40 9.76 -13.50 44.66
N PHE C 41 9.30 -12.77 43.66
CA PHE C 41 9.81 -11.40 43.45
C PHE C 41 9.56 -10.51 44.65
N ARG C 42 8.36 -10.57 45.22
CA ARG C 42 8.01 -9.73 46.40
C ARG C 42 8.84 -10.19 47.60
N LYS C 43 9.09 -11.49 47.73
CA LYS C 43 10.00 -12.00 48.78
C LYS C 43 11.38 -11.38 48.61
N LEU C 44 11.89 -11.26 47.40
CA LEU C 44 13.24 -10.70 47.12
C LEU C 44 13.24 -9.19 47.39
N TYR C 45 12.16 -8.49 47.04
CA TYR C 45 12.06 -7.02 47.08
C TYR C 45 10.74 -6.62 47.75
N PRO C 46 10.66 -6.81 49.08
CA PRO C 46 9.40 -6.65 49.79
C PRO C 46 8.85 -5.22 49.83
N PHE C 47 9.65 -4.26 49.40
CA PHE C 47 9.27 -2.81 49.39
C PHE C 47 8.52 -2.44 48.10
N ILE C 48 8.22 -3.40 47.23
CA ILE C 48 7.53 -3.12 45.93
C ILE C 48 6.13 -3.73 45.98
N GLN C 49 5.11 -2.88 45.85
CA GLN C 49 3.69 -3.30 45.71
C GLN C 49 3.46 -3.63 44.24
N ILE C 50 3.07 -4.87 43.97
CA ILE C 50 2.97 -5.35 42.57
C ILE C 50 1.51 -5.28 42.13
N GLU C 51 1.26 -4.68 40.97
CA GLU C 51 -0.07 -4.70 40.32
C GLU C 51 0.07 -5.54 39.07
N TYR C 52 -0.45 -6.75 39.10
CA TYR C 52 -0.39 -7.65 37.93
C TYR C 52 -1.68 -7.57 37.11
N ASN C 53 -1.61 -7.07 35.88
CA ASN C 53 -2.81 -6.93 35.02
C ASN C 53 -2.74 -8.05 33.98
N ASP C 54 -3.55 -9.07 34.17
CA ASP C 54 -3.59 -10.30 33.34
C ASP C 54 -4.54 -9.99 32.17
N LEU C 55 -4.00 -9.70 30.99
CA LEU C 55 -4.77 -9.09 29.87
C LEU C 55 -4.56 -9.87 28.58
N GLY C 56 -5.49 -9.74 27.63
CA GLY C 56 -5.31 -10.29 26.27
C GLY C 56 -4.20 -9.55 25.52
N THR C 57 -3.54 -10.25 24.62
CA THR C 57 -2.37 -9.72 23.92
C THR C 57 -2.75 -8.49 23.10
N GLN C 58 -3.84 -8.57 22.32
CA GLN C 58 -4.22 -7.37 21.52
C GLN C 58 -4.61 -6.25 22.49
N ALA C 59 -5.32 -6.57 23.58
CA ALA C 59 -5.71 -5.54 24.59
C ALA C 59 -4.49 -4.82 25.18
N ILE C 60 -3.40 -5.55 25.46
CA ILE C 60 -2.17 -4.92 26.07
C ILE C 60 -1.65 -3.87 25.09
N TYR C 61 -1.50 -4.26 23.83
CA TYR C 61 -0.99 -3.35 22.79
C TYR C 61 -1.91 -2.12 22.73
N ASP C 62 -3.22 -2.31 22.56
CA ASP C 62 -4.19 -1.19 22.36
C ASP C 62 -4.20 -0.27 23.58
N ARG C 63 -4.23 -0.83 24.77
CA ARG C 63 -4.32 -0.05 26.03
C ARG C 63 -3.02 0.73 26.23
N PHE C 64 -1.87 0.08 26.04
CA PHE C 64 -0.56 0.74 26.19
C PHE C 64 -0.39 1.89 25.18
N VAL C 65 -0.73 1.65 23.92
CA VAL C 65 -0.60 2.71 22.87
C VAL C 65 -1.53 3.87 23.24
N SER C 66 -2.75 3.57 23.68
CA SER C 66 -3.78 4.60 23.97
C SER C 66 -3.36 5.41 25.19
N GLU C 67 -2.94 4.74 26.27
CA GLU C 67 -2.52 5.44 27.51
C GLU C 67 -1.30 6.31 27.22
N THR C 68 -0.34 5.79 26.47
CA THR C 68 0.90 6.53 26.12
C THR C 68 0.50 7.75 25.28
N ALA C 69 -0.34 7.57 24.25
CA ALA C 69 -0.79 8.71 23.39
C ALA C 69 -1.49 9.78 24.24
N ALA C 70 -2.20 9.37 25.30
CA ALA C 70 -2.95 10.31 26.16
C ALA C 70 -2.05 10.96 27.22
N GLY C 71 -0.78 10.59 27.32
CA GLY C 71 0.14 11.14 28.32
C GLY C 71 -0.15 10.54 29.69
N ALA C 72 -0.93 9.45 29.73
CA ALA C 72 -1.54 8.89 30.96
C ALA C 72 -0.54 7.93 31.58
N SER C 73 -0.80 7.63 32.86
CA SER C 73 -0.24 6.52 33.67
C SER C 73 -0.42 5.26 32.87
N SER C 74 0.68 4.56 32.58
CA SER C 74 0.58 3.24 31.93
C SER C 74 1.43 2.23 32.73
N ALA C 75 1.70 1.11 32.11
CA ALA C 75 2.49 0.03 32.72
C ALA C 75 3.94 0.43 32.86
N ASP C 76 4.62 -0.15 33.85
CA ASP C 76 6.08 -0.06 33.92
C ASP C 76 6.70 -1.10 33.02
N LEU C 77 6.09 -2.27 32.93
CA LEU C 77 6.66 -3.41 32.17
C LEU C 77 5.54 -4.12 31.42
N LEU C 78 5.84 -4.52 30.19
CA LEU C 78 4.94 -5.28 29.33
C LEU C 78 5.54 -6.65 29.07
N TRP C 79 4.73 -7.69 29.21
CA TRP C 79 5.18 -9.09 29.13
C TRP C 79 4.14 -9.83 28.31
N SER C 80 4.44 -10.15 27.06
CA SER C 80 3.39 -10.65 26.17
C SER C 80 3.94 -11.71 25.22
N SER C 81 3.09 -12.67 24.92
CA SER C 81 3.38 -13.72 23.93
C SER C 81 3.16 -13.25 22.49
N ALA C 82 2.48 -12.12 22.25
CA ALA C 82 2.26 -11.62 20.88
C ALA C 82 3.54 -10.94 20.43
N MET C 83 4.43 -11.75 19.89
CA MET C 83 5.82 -11.32 19.69
C MET C 83 5.86 -10.12 18.72
N GLU C 84 5.08 -10.15 17.63
CA GLU C 84 5.13 -9.06 16.63
C GLU C 84 4.77 -7.75 17.33
N LEU C 85 3.72 -7.76 18.15
CA LEU C 85 3.25 -6.51 18.80
C LEU C 85 4.31 -5.99 19.79
N GLN C 86 4.97 -6.87 20.53
CA GLN C 86 6.04 -6.42 21.49
C GLN C 86 7.24 -5.87 20.70
N VAL C 87 7.65 -6.54 19.63
CA VAL C 87 8.80 -6.10 18.81
C VAL C 87 8.41 -4.77 18.11
N LYS C 88 7.15 -4.60 17.71
CA LYS C 88 6.72 -3.32 17.08
C LYS C 88 6.89 -2.19 18.10
N LEU C 89 6.34 -2.37 19.31
CA LEU C 89 6.44 -1.30 20.34
C LEU C 89 7.92 -0.99 20.62
N ALA C 90 8.72 -2.02 20.85
CA ALA C 90 10.10 -1.85 21.33
C ALA C 90 10.95 -1.24 20.23
N SER C 91 10.54 -1.37 18.96
CA SER C 91 11.35 -0.80 17.85
C SER C 91 10.76 0.55 17.37
N GLU C 92 9.73 1.10 18.02
CA GLU C 92 9.13 2.39 17.60
C GLU C 92 9.17 3.45 18.72
N GLY C 93 10.02 3.24 19.72
CA GLY C 93 10.35 4.29 20.70
C GLY C 93 9.65 4.10 22.02
N TYR C 94 8.96 2.98 22.23
CA TYR C 94 8.17 2.80 23.46
C TYR C 94 8.99 2.18 24.59
N ALA C 95 10.17 1.61 24.29
CA ALA C 95 10.96 0.83 25.27
C ALA C 95 12.06 1.68 25.87
N LEU C 96 12.28 1.50 27.18
CA LEU C 96 13.43 2.10 27.90
C LEU C 96 14.65 1.26 27.56
N PRO C 97 15.70 1.85 26.99
CA PRO C 97 16.91 1.07 26.73
C PRO C 97 17.55 0.68 28.07
N TYR C 98 17.84 -0.60 28.25
CA TYR C 98 18.43 -1.16 29.48
C TYR C 98 19.15 -2.46 29.12
N ASP C 99 20.45 -2.52 29.38
CA ASP C 99 21.28 -3.70 29.05
C ASP C 99 21.25 -4.64 30.26
N SER C 100 20.37 -5.63 30.27
CA SER C 100 20.15 -6.48 31.47
C SER C 100 21.43 -7.26 31.74
N PRO C 101 22.00 -7.15 32.96
CA PRO C 101 23.15 -7.98 33.33
C PRO C 101 22.80 -9.48 33.37
N GLU C 102 21.54 -9.87 33.32
CA GLU C 102 21.15 -11.31 33.39
C GLU C 102 21.03 -11.88 31.99
N ALA C 103 21.03 -11.03 30.96
CA ALA C 103 20.86 -11.46 29.55
C ALA C 103 22.21 -11.39 28.80
N LYS C 104 23.34 -11.33 29.52
CA LYS C 104 24.66 -11.14 28.87
C LYS C 104 24.86 -12.24 27.81
N ASN C 105 24.39 -13.47 28.03
CA ASN C 105 24.67 -14.56 27.06
C ASN C 105 23.42 -14.88 26.24
N TRP C 106 22.43 -13.98 26.18
CA TRP C 106 21.27 -14.23 25.27
C TRP C 106 21.77 -14.24 23.83
N PRO C 107 21.37 -15.23 23.00
CA PRO C 107 21.67 -15.18 21.57
C PRO C 107 20.89 -14.05 20.87
N ALA C 108 21.33 -13.67 19.69
CA ALA C 108 20.79 -12.49 18.98
C ALA C 108 19.28 -12.66 18.74
N ASN C 109 18.81 -13.88 18.52
CA ASN C 109 17.39 -14.18 18.22
C ASN C 109 16.54 -14.21 19.50
N ALA C 110 17.12 -13.88 20.66
CA ALA C 110 16.40 -13.82 21.94
C ALA C 110 16.39 -12.39 22.48
N ARG C 111 16.89 -11.37 21.78
CA ARG C 111 16.79 -9.98 22.30
C ARG C 111 16.79 -9.01 21.12
N LEU C 112 16.12 -7.88 21.32
CA LEU C 112 16.18 -6.75 20.37
C LEU C 112 17.12 -5.74 21.04
N GLY C 113 18.42 -5.94 20.83
CA GLY C 113 19.44 -5.03 21.36
C GLY C 113 19.27 -4.89 22.87
N ASN C 114 19.11 -3.65 23.35
CA ASN C 114 18.86 -3.35 24.78
C ASN C 114 17.40 -2.92 24.99
N LEU C 115 16.49 -3.28 24.08
CA LEU C 115 15.10 -2.75 24.14
C LEU C 115 14.13 -3.82 24.65
N ALA C 116 14.32 -5.08 24.27
CA ALA C 116 13.33 -6.12 24.64
C ALA C 116 14.00 -7.49 24.67
N TYR C 117 13.42 -8.37 25.48
CA TYR C 117 14.08 -9.63 25.80
C TYR C 117 13.12 -10.79 25.80
N SER C 118 13.56 -11.89 25.21
CA SER C 118 12.91 -13.21 25.38
C SER C 118 12.97 -13.61 26.83
N THR C 119 11.87 -14.17 27.34
CA THR C 119 11.86 -14.68 28.73
C THR C 119 11.55 -16.18 28.75
N THR C 120 11.15 -16.74 27.61
CA THR C 120 10.63 -18.12 27.58
C THR C 120 10.91 -18.76 26.21
N LEU C 121 10.76 -20.09 26.13
CA LEU C 121 10.81 -20.78 24.82
C LEU C 121 9.68 -21.79 24.85
N GLU C 122 8.47 -21.35 24.47
CA GLU C 122 7.26 -22.11 24.79
C GLU C 122 6.71 -22.78 23.54
N PRO C 123 6.61 -24.12 23.53
CA PRO C 123 6.16 -24.80 22.33
C PRO C 123 4.65 -24.72 22.15
N ALA C 124 4.22 -24.65 20.90
CA ALA C 124 2.83 -24.82 20.48
C ALA C 124 2.60 -26.33 20.34
N VAL C 125 1.76 -26.89 21.21
CA VAL C 125 1.64 -28.36 21.33
C VAL C 125 0.22 -28.77 20.96
N VAL C 126 0.03 -30.10 20.93
CA VAL C 126 -1.32 -30.68 20.85
C VAL C 126 -1.75 -31.10 22.25
N VAL C 127 -2.96 -30.76 22.66
CA VAL C 127 -3.51 -31.35 23.89
C VAL C 127 -4.75 -32.16 23.55
N TYR C 128 -5.01 -33.20 24.35
CA TYR C 128 -6.15 -34.07 24.03
C TYR C 128 -6.70 -34.66 25.33
N ASN C 129 -7.91 -35.16 25.21
CA ASN C 129 -8.63 -35.81 26.34
C ASN C 129 -8.39 -37.31 26.20
N LYS C 130 -7.67 -37.88 27.16
CA LYS C 130 -7.24 -39.30 27.07
C LYS C 130 -8.42 -40.26 27.19
N ARG C 131 -9.56 -39.80 27.66
CA ARG C 131 -10.75 -40.67 27.72
C ARG C 131 -11.26 -40.92 26.30
N PHE C 132 -10.96 -40.06 25.32
CA PHE C 132 -11.51 -40.13 23.97
C PHE C 132 -10.45 -40.35 22.89
N LEU C 133 -9.18 -40.01 23.18
CA LEU C 133 -8.04 -40.31 22.28
C LEU C 133 -6.92 -40.89 23.15
N LYS C 134 -6.53 -42.09 22.86
CA LYS C 134 -5.37 -42.66 23.59
C LYS C 134 -4.10 -42.03 23.03
N PRO C 135 -3.03 -41.95 23.81
CA PRO C 135 -1.77 -41.38 23.28
C PRO C 135 -1.34 -41.98 21.92
N GLU C 136 -1.50 -43.29 21.71
CA GLU C 136 -1.08 -43.96 20.43
C GLU C 136 -1.99 -43.50 19.29
N GLU C 137 -3.17 -42.94 19.58
CA GLU C 137 -4.11 -42.51 18.51
C GLU C 137 -3.81 -41.08 18.09
N VAL C 138 -2.97 -40.37 18.82
CA VAL C 138 -2.74 -38.91 18.52
C VAL C 138 -1.46 -38.82 17.67
N PRO C 139 -1.59 -38.51 16.38
CA PRO C 139 -0.42 -38.34 15.53
C PRO C 139 0.40 -37.13 16.01
N THR C 140 1.71 -37.14 15.73
CA THR C 140 2.60 -36.03 16.15
C THR C 140 3.10 -35.31 14.90
N THR C 141 2.39 -35.42 13.79
CA THR C 141 2.74 -34.68 12.57
C THR C 141 1.49 -33.96 12.08
N ARG C 142 1.70 -32.92 11.27
CA ARG C 142 0.60 -32.20 10.64
C ARG C 142 -0.13 -33.14 9.67
N GLU C 143 0.59 -33.89 8.85
CA GLU C 143 -0.07 -34.81 7.89
C GLU C 143 -0.89 -35.86 8.63
N GLY C 144 -0.35 -36.38 9.75
CA GLY C 144 -1.10 -37.43 10.49
C GLY C 144 -2.31 -36.81 11.18
N LEU C 145 -2.15 -35.59 11.76
CA LEU C 145 -3.33 -34.90 12.35
C LEU C 145 -4.37 -34.60 11.27
N ALA C 146 -3.95 -34.26 10.06
CA ALA C 146 -4.91 -34.01 8.95
C ALA C 146 -5.72 -35.28 8.68
N ARG C 147 -5.09 -36.45 8.76
CA ARG C 147 -5.77 -37.75 8.51
C ARG C 147 -6.74 -38.05 9.65
N LEU C 148 -6.32 -37.83 10.92
CA LEU C 148 -7.22 -38.06 12.07
C LEU C 148 -8.47 -37.19 11.90
N LEU C 149 -8.30 -35.94 11.47
CA LEU C 149 -9.43 -34.99 11.36
C LEU C 149 -10.36 -35.32 10.18
N GLN C 150 -10.06 -36.35 9.38
CA GLN C 150 -11.00 -36.78 8.35
C GLN C 150 -12.09 -37.66 8.97
N GLU C 151 -11.89 -38.16 10.20
CA GLU C 151 -12.82 -39.13 10.79
C GLU C 151 -14.10 -38.41 11.15
N PRO C 152 -15.32 -38.92 10.80
CA PRO C 152 -16.57 -38.33 11.28
C PRO C 152 -16.57 -38.11 12.80
N ARG C 153 -15.98 -39.04 13.55
CA ARG C 153 -15.95 -38.96 15.04
C ARG C 153 -15.24 -37.69 15.50
N MET C 154 -14.28 -37.18 14.73
CA MET C 154 -13.55 -35.94 15.10
C MET C 154 -14.29 -34.65 14.72
N ARG C 155 -15.40 -34.71 13.98
CA ARG C 155 -16.13 -33.51 13.55
C ARG C 155 -16.71 -32.85 14.79
N GLY C 156 -16.37 -31.58 15.01
CA GLY C 156 -16.80 -30.81 16.16
C GLY C 156 -15.95 -31.12 17.39
N ARG C 157 -14.88 -31.90 17.25
CA ARG C 157 -14.09 -32.34 18.43
C ARG C 157 -12.69 -31.72 18.42
N VAL C 158 -12.50 -30.64 17.65
CA VAL C 158 -11.17 -30.00 17.47
C VAL C 158 -11.28 -28.51 17.82
N ALA C 159 -10.28 -28.04 18.54
CA ALA C 159 -10.13 -26.62 18.94
C ALA C 159 -8.80 -26.13 18.39
N THR C 160 -8.75 -24.88 17.91
CA THR C 160 -7.45 -24.23 17.67
C THR C 160 -7.66 -22.72 17.90
N TRP C 161 -6.63 -21.95 17.61
CA TRP C 161 -6.68 -20.47 17.74
C TRP C 161 -7.63 -19.84 16.73
N ASP C 162 -8.17 -18.70 17.14
CA ASP C 162 -8.73 -17.72 16.19
C ASP C 162 -7.69 -16.62 15.98
N PRO C 163 -6.95 -16.64 14.86
CA PRO C 163 -5.85 -15.70 14.68
C PRO C 163 -6.37 -14.29 14.34
N GLU C 164 -7.69 -14.16 14.14
CA GLU C 164 -8.32 -12.84 13.87
C GLU C 164 -8.74 -12.21 15.20
N ARG C 165 -8.70 -12.94 16.31
CA ARG C 165 -9.16 -12.41 17.62
C ARG C 165 -8.12 -12.62 18.72
N SER C 166 -7.04 -13.34 18.48
CA SER C 166 -5.92 -13.46 19.41
C SER C 166 -4.66 -13.07 18.66
N ALA C 167 -3.92 -12.09 19.14
CA ALA C 167 -2.68 -11.65 18.44
C ALA C 167 -1.61 -12.76 18.50
N VAL C 168 -1.50 -13.50 19.62
CA VAL C 168 -0.53 -14.62 19.66
C VAL C 168 -1.08 -15.82 18.88
N GLY C 169 -2.40 -15.99 18.79
CA GLY C 169 -2.97 -16.99 17.87
C GLY C 169 -2.45 -16.74 16.45
N PHE C 170 -2.42 -15.48 16.04
CA PHE C 170 -1.81 -15.09 14.74
C PHE C 170 -0.30 -15.43 14.74
N THR C 171 0.46 -15.04 15.76
CA THR C 171 1.92 -15.33 15.86
C THR C 171 2.13 -16.81 15.55
N ILE C 172 1.42 -17.67 16.28
CA ILE C 172 1.67 -19.13 16.23
C ILE C 172 1.26 -19.68 14.87
N LEU C 173 0.03 -19.41 14.41
CA LEU C 173 -0.45 -20.02 13.16
C LEU C 173 0.26 -19.40 11.95
N LYS C 174 0.61 -18.10 11.99
CA LYS C 174 1.40 -17.48 10.91
C LYS C 174 2.77 -18.17 10.80
N ALA C 175 3.43 -18.43 11.92
CA ALA C 175 4.77 -19.06 11.90
C ALA C 175 4.64 -20.48 11.36
N ASP C 176 3.59 -21.20 11.77
CA ASP C 176 3.34 -22.59 11.30
C ASP C 176 3.17 -22.57 9.77
N TYR C 177 2.26 -21.73 9.29
CA TYR C 177 2.03 -21.53 7.84
C TYR C 177 3.34 -21.18 7.11
N ASP C 178 4.15 -20.30 7.69
CA ASP C 178 5.38 -19.82 6.98
C ASP C 178 6.40 -20.96 6.88
N ARG C 179 6.49 -21.82 7.90
CA ARG C 179 7.65 -22.75 8.04
C ARG C 179 7.30 -24.16 7.55
N PHE C 180 6.03 -24.58 7.67
CA PHE C 180 5.65 -25.99 7.42
C PHE C 180 4.61 -26.07 6.30
N PRO C 181 4.99 -26.49 5.07
CA PRO C 181 4.01 -26.72 4.02
C PRO C 181 2.81 -27.58 4.45
N ALA C 182 3.04 -28.59 5.29
CA ALA C 182 1.97 -29.52 5.73
C ALA C 182 0.91 -28.76 6.53
N PHE C 183 1.21 -27.56 7.05
CA PHE C 183 0.19 -26.77 7.77
C PHE C 183 -1.03 -26.52 6.86
N GLN C 184 -0.81 -26.33 5.56
CA GLN C 184 -1.94 -26.04 4.63
C GLN C 184 -2.91 -27.22 4.62
N GLU C 185 -2.42 -28.45 4.54
CA GLU C 185 -3.26 -29.66 4.58
C GLU C 185 -4.00 -29.70 5.92
N LEU C 186 -3.29 -29.43 6.99
CA LEU C 186 -3.89 -29.48 8.35
C LEU C 186 -5.01 -28.41 8.44
N ALA C 187 -4.78 -27.19 7.98
CA ALA C 187 -5.79 -26.10 8.05
C ALA C 187 -7.05 -26.52 7.27
N ARG C 188 -6.92 -27.13 6.09
CA ARG C 188 -8.11 -27.61 5.35
C ARG C 188 -8.83 -28.69 6.19
N ALA C 189 -8.08 -29.53 6.92
CA ALA C 189 -8.65 -30.58 7.80
C ALA C 189 -9.33 -29.90 9.01
N PHE C 190 -8.87 -28.74 9.47
CA PHE C 190 -9.64 -27.97 10.47
C PHE C 190 -11.02 -27.64 9.90
N GLY C 191 -11.10 -27.25 8.62
CA GLY C 191 -12.38 -27.00 7.92
C GLY C 191 -13.22 -28.26 7.87
N LYS C 192 -12.63 -29.37 7.46
CA LYS C 192 -13.36 -30.68 7.36
C LYS C 192 -13.93 -31.02 8.75
N ALA C 193 -13.12 -30.91 9.81
CA ALA C 193 -13.56 -31.28 11.19
C ALA C 193 -14.42 -30.17 11.83
N GLN C 194 -14.59 -29.03 11.16
CA GLN C 194 -15.33 -27.88 11.75
C GLN C 194 -14.73 -27.50 13.09
N ALA C 195 -13.42 -27.22 13.07
CA ALA C 195 -12.66 -26.76 14.25
C ALA C 195 -13.36 -25.53 14.85
N ALA C 196 -13.43 -25.49 16.17
CA ALA C 196 -13.90 -24.33 16.92
C ALA C 196 -12.65 -23.47 17.18
N LEU C 197 -12.76 -22.16 17.07
CA LEU C 197 -11.57 -21.29 17.14
C LEU C 197 -11.69 -20.45 18.41
N TYR C 198 -10.64 -20.38 19.22
CA TYR C 198 -10.70 -19.74 20.56
C TYR C 198 -9.67 -18.64 20.63
N SER C 199 -9.97 -17.64 21.43
CA SER C 199 -9.08 -16.46 21.56
C SER C 199 -8.24 -16.57 22.85
N SER C 200 -8.38 -17.67 23.61
CA SER C 200 -7.51 -17.87 24.79
C SER C 200 -7.29 -19.37 24.96
N THR C 201 -6.15 -19.71 25.51
CA THR C 201 -5.84 -21.12 25.85
C THR C 201 -6.89 -21.68 26.84
N GLY C 202 -7.20 -20.94 27.90
CA GLY C 202 -8.16 -21.41 28.93
C GLY C 202 -9.49 -21.83 28.32
N ALA C 203 -10.00 -21.04 27.37
CA ALA C 203 -11.30 -21.32 26.73
C ALA C 203 -11.20 -22.64 25.98
N ALA C 204 -10.12 -22.89 25.26
CA ALA C 204 -9.97 -24.14 24.47
C ALA C 204 -9.84 -25.32 25.47
N PHE C 205 -9.01 -25.15 26.50
CA PHE C 205 -8.70 -26.24 27.45
C PHE C 205 -9.97 -26.66 28.17
N GLU C 206 -10.81 -25.70 28.54
CA GLU C 206 -12.02 -26.08 29.28
C GLU C 206 -12.90 -27.04 28.45
N LYS C 207 -12.97 -26.80 27.13
CA LYS C 207 -13.75 -27.62 26.19
C LYS C 207 -13.08 -29.00 26.00
N VAL C 208 -11.76 -29.05 25.94
CA VAL C 208 -11.04 -30.37 25.84
C VAL C 208 -11.30 -31.16 27.13
N ILE C 209 -11.18 -30.50 28.25
CA ILE C 209 -11.29 -31.19 29.56
C ILE C 209 -12.71 -31.70 29.75
N SER C 210 -13.73 -30.99 29.28
CA SER C 210 -15.14 -31.41 29.47
C SER C 210 -15.49 -32.50 28.47
N GLY C 211 -14.67 -32.69 27.42
CA GLY C 211 -14.93 -33.64 26.33
C GLY C 211 -15.84 -33.06 25.27
N GLU C 212 -16.21 -31.78 25.33
CA GLU C 212 -16.90 -31.12 24.19
C GLU C 212 -15.98 -31.18 22.94
N HIS C 213 -14.67 -31.05 23.16
CA HIS C 213 -13.64 -31.32 22.13
C HIS C 213 -12.71 -32.41 22.66
N TYR C 214 -12.09 -33.16 21.75
CA TYR C 214 -11.16 -34.25 22.11
C TYR C 214 -9.71 -33.75 21.96
N LEU C 215 -9.46 -32.71 21.14
CA LEU C 215 -8.09 -32.33 20.77
C LEU C 215 -8.04 -30.83 20.51
N ALA C 216 -6.94 -30.20 20.89
CA ALA C 216 -6.69 -28.75 20.66
C ALA C 216 -5.28 -28.64 20.09
N TYR C 217 -5.15 -27.81 19.06
CA TYR C 217 -3.88 -27.62 18.31
C TYR C 217 -3.34 -26.23 18.53
N GLY C 218 -2.08 -26.14 18.96
CA GLY C 218 -1.33 -24.89 18.84
C GLY C 218 -1.21 -24.11 20.12
N PHE C 219 -1.74 -24.61 21.23
CA PHE C 219 -1.71 -23.86 22.49
C PHE C 219 -0.45 -24.11 23.26
N PHE C 220 -0.21 -23.30 24.30
CA PHE C 220 1.10 -23.27 24.99
C PHE C 220 1.32 -24.55 25.76
N GLY C 221 2.48 -25.17 25.57
CA GLY C 221 2.88 -26.33 26.39
C GLY C 221 2.91 -25.92 27.88
N SER C 222 3.35 -24.71 28.19
CA SER C 222 3.42 -24.21 29.58
C SER C 222 2.08 -24.42 30.27
N TYR C 223 1.01 -23.90 29.70
CA TYR C 223 -0.35 -23.98 30.29
C TYR C 223 -0.77 -25.45 30.40
N ALA C 224 -0.44 -26.25 29.37
CA ALA C 224 -0.86 -27.65 29.33
C ALA C 224 -0.21 -28.38 30.50
N LEU C 225 1.11 -28.23 30.65
CA LEU C 225 1.83 -28.95 31.73
C LEU C 225 1.21 -28.55 33.07
N LEU C 226 0.98 -27.26 33.29
CA LEU C 226 0.42 -26.86 34.64
C LEU C 226 -0.94 -27.50 34.82
N ARG C 227 -1.78 -27.53 33.79
CA ARG C 227 -3.13 -28.10 33.96
C ARG C 227 -3.08 -29.61 34.24
N GLN C 228 -2.11 -30.31 33.68
CA GLN C 228 -1.92 -31.77 33.95
C GLN C 228 -1.75 -32.06 35.43
N ARG C 229 -1.25 -31.07 36.22
CA ARG C 229 -1.14 -31.31 37.68
C ARG C 229 -2.50 -31.67 38.26
N THR C 230 -3.57 -31.09 37.74
CA THR C 230 -4.92 -31.27 38.32
C THR C 230 -5.84 -32.01 37.36
N VAL C 231 -5.46 -32.26 36.12
CA VAL C 231 -6.30 -33.01 35.16
C VAL C 231 -5.53 -34.22 34.65
N LYS C 232 -5.76 -35.39 35.24
CA LYS C 232 -5.10 -36.64 34.80
C LYS C 232 -5.43 -37.02 33.36
N ASP C 233 -6.61 -36.66 32.88
CA ASP C 233 -6.99 -37.06 31.48
C ASP C 233 -6.48 -36.05 30.45
N LEU C 234 -5.72 -35.03 30.85
CA LEU C 234 -5.15 -34.11 29.82
C LEU C 234 -3.83 -34.67 29.30
N GLY C 235 -3.80 -35.01 27.99
CA GLY C 235 -2.57 -35.49 27.34
C GLY C 235 -1.93 -34.38 26.55
N ILE C 236 -0.61 -34.46 26.39
CA ILE C 236 0.15 -33.49 25.58
C ILE C 236 0.92 -34.26 24.53
N ALA C 237 0.82 -33.85 23.28
CA ALA C 237 1.64 -34.43 22.19
C ALA C 237 2.49 -33.31 21.59
N TYR C 238 3.78 -33.58 21.45
CA TYR C 238 4.72 -32.61 20.84
C TYR C 238 4.92 -32.98 19.37
N LEU C 239 4.89 -32.00 18.48
CA LEU C 239 4.98 -32.29 17.01
C LEU C 239 6.42 -32.64 16.61
N THR C 240 6.60 -33.80 15.98
CA THR C 240 7.93 -34.35 15.60
C THR C 240 8.32 -33.94 14.18
N ASP C 241 7.38 -33.36 13.41
CA ASP C 241 7.68 -32.88 12.04
C ASP C 241 8.16 -31.45 12.19
N GLY C 242 8.00 -30.83 13.34
CA GLY C 242 8.45 -29.46 13.55
C GLY C 242 7.53 -28.80 14.55
N THR C 243 8.11 -28.06 15.49
CA THR C 243 7.37 -27.38 16.56
C THR C 243 7.66 -25.90 16.48
N VAL C 244 6.61 -25.07 16.48
CA VAL C 244 6.72 -23.60 16.62
C VAL C 244 6.94 -23.30 18.09
N ALA C 245 7.92 -22.50 18.44
CA ALA C 245 8.10 -22.04 19.83
C ALA C 245 8.02 -20.53 19.84
N ILE C 246 7.16 -20.00 20.70
CA ILE C 246 7.14 -18.53 20.91
C ILE C 246 8.11 -18.18 22.04
N GLN C 247 8.57 -16.94 22.04
CA GLN C 247 9.40 -16.39 23.15
C GLN C 247 8.60 -15.24 23.73
N ARG C 248 8.10 -15.36 24.95
CA ARG C 248 7.38 -14.24 25.58
C ARG C 248 8.34 -13.09 25.72
N VAL C 249 7.96 -11.93 25.21
CA VAL C 249 8.87 -10.77 25.16
C VAL C 249 8.52 -9.81 26.29
N ALA C 250 9.51 -9.42 27.07
CA ALA C 250 9.34 -8.34 28.07
C ALA C 250 10.10 -7.10 27.63
N PHE C 251 9.54 -5.94 27.96
CA PHE C 251 10.29 -4.68 27.83
C PHE C 251 9.75 -3.70 28.86
N ILE C 252 10.58 -2.70 29.14
CA ILE C 252 10.26 -1.65 30.13
C ILE C 252 9.71 -0.45 29.37
N ASN C 253 8.61 0.10 29.85
CA ASN C 253 8.03 1.33 29.26
C ASN C 253 9.03 2.47 29.40
N LYS C 254 9.38 3.11 28.27
CA LYS C 254 10.26 4.31 28.30
C LYS C 254 9.72 5.34 29.31
N ARG C 255 8.40 5.45 29.38
CA ARG C 255 7.64 6.41 30.21
C ARG C 255 7.15 5.79 31.51
N ALA C 256 7.73 4.69 31.94
CA ALA C 256 7.42 4.05 33.25
C ALA C 256 7.50 5.12 34.35
N ALA C 257 6.53 5.17 35.26
CA ALA C 257 6.65 5.91 36.54
C ALA C 257 7.66 5.19 37.44
N HIS C 258 7.79 3.86 37.32
CA HIS C 258 8.64 3.02 38.21
C HIS C 258 9.65 2.22 37.39
N PRO C 259 10.57 2.89 36.65
CA PRO C 259 11.46 2.18 35.74
C PRO C 259 12.46 1.27 36.47
N ASN C 260 12.88 1.65 37.67
CA ASN C 260 13.87 0.87 38.45
C ASN C 260 13.22 -0.43 38.95
N ALA C 261 12.00 -0.34 39.45
CA ALA C 261 11.24 -1.56 39.85
C ALA C 261 11.12 -2.45 38.61
N ALA C 262 10.85 -1.86 37.45
CA ALA C 262 10.72 -2.64 36.18
C ALA C 262 12.06 -3.31 35.82
N LYS C 263 13.18 -2.61 35.97
CA LYS C 263 14.51 -3.23 35.76
C LYS C 263 14.65 -4.47 36.67
N LEU C 264 14.32 -4.30 37.94
CA LEU C 264 14.47 -5.45 38.90
C LEU C 264 13.64 -6.63 38.42
N PHE C 265 12.41 -6.37 37.96
CA PHE C 265 11.51 -7.49 37.55
C PHE C 265 12.01 -8.17 36.27
N LEU C 266 12.47 -7.40 35.29
CA LEU C 266 13.03 -7.96 34.04
C LEU C 266 14.25 -8.80 34.40
N ASP C 267 15.18 -8.27 35.19
CA ASP C 267 16.40 -9.02 35.57
C ASP C 267 15.96 -10.30 36.29
N TYR C 268 14.97 -10.21 37.16
CA TYR C 268 14.42 -11.40 37.87
C TYR C 268 13.94 -12.45 36.87
N LEU C 269 13.07 -12.07 35.91
CA LEU C 269 12.56 -13.03 34.91
C LEU C 269 13.71 -13.74 34.18
N LEU C 270 14.78 -13.01 33.84
CA LEU C 270 15.89 -13.53 33.01
C LEU C 270 16.91 -14.29 33.87
N SER C 271 16.91 -14.08 35.16
CA SER C 271 17.91 -14.66 36.08
C SER C 271 17.80 -16.19 36.15
N LEU C 272 18.87 -16.84 36.58
CA LEU C 272 18.78 -18.30 36.85
C LEU C 272 17.67 -18.55 37.86
N ARG C 273 17.53 -17.69 38.85
CA ARG C 273 16.49 -17.96 39.90
C ARG C 273 15.07 -17.95 39.26
N GLY C 274 14.76 -16.91 38.48
CA GLY C 274 13.42 -16.77 37.86
C GLY C 274 13.20 -17.88 36.83
N GLN C 275 14.24 -18.22 36.05
CA GLN C 275 14.09 -19.24 34.99
C GLN C 275 13.92 -20.63 35.63
N ASN C 276 14.63 -20.88 36.74
CA ASN C 276 14.48 -22.16 37.47
C ASN C 276 13.06 -22.25 38.09
N LEU C 277 12.56 -21.14 38.64
CA LEU C 277 11.20 -21.11 39.21
C LEU C 277 10.20 -21.33 38.08
N MET C 278 10.44 -20.71 36.91
CA MET C 278 9.53 -20.94 35.76
C MET C 278 9.45 -22.42 35.49
N ALA C 279 10.57 -23.11 35.37
CA ALA C 279 10.62 -24.50 34.88
C ALA C 279 9.99 -25.41 35.96
N TYR C 280 10.45 -25.27 37.21
CA TYR C 280 10.09 -26.27 38.26
C TYR C 280 8.67 -26.02 38.79
N THR C 281 8.38 -24.77 39.11
CA THR C 281 7.20 -24.41 39.95
C THR C 281 6.04 -24.00 39.05
N ALA C 282 6.26 -23.04 38.15
CA ALA C 282 5.19 -22.46 37.31
C ALA C 282 4.89 -23.35 36.09
N LEU C 283 5.85 -24.18 35.72
CA LEU C 283 5.87 -25.02 34.50
C LEU C 283 5.71 -24.12 33.28
N ILE C 284 6.33 -22.95 33.33
CA ILE C 284 6.53 -22.15 32.11
C ILE C 284 7.83 -22.65 31.48
N PHE C 285 7.80 -22.93 30.16
CA PHE C 285 8.99 -23.41 29.46
C PHE C 285 10.02 -22.28 29.46
N ALA C 286 11.13 -22.49 30.17
CA ALA C 286 12.20 -21.50 30.37
C ALA C 286 12.90 -21.24 29.03
N ARG C 287 13.52 -20.08 28.93
CA ARG C 287 14.41 -19.72 27.79
C ARG C 287 15.78 -20.32 28.04
N ARG C 288 16.27 -20.30 29.29
CA ARG C 288 17.65 -20.80 29.55
C ARG C 288 17.72 -22.32 29.30
N GLU C 289 18.52 -22.72 28.31
CA GLU C 289 18.77 -24.14 27.96
C GLU C 289 19.47 -24.91 29.08
N THR C 290 19.95 -24.22 30.13
CA THR C 290 20.69 -24.82 31.25
C THR C 290 19.71 -25.33 32.32
N VAL C 291 18.45 -24.98 32.23
CA VAL C 291 17.52 -25.37 33.31
C VAL C 291 17.13 -26.82 33.08
N VAL C 292 16.93 -27.55 34.17
CA VAL C 292 16.59 -28.99 34.15
C VAL C 292 15.15 -29.19 34.63
N GLY C 293 14.37 -29.92 33.86
CA GLY C 293 12.94 -30.21 34.17
C GLY C 293 12.15 -30.38 32.90
N GLU C 294 10.89 -30.72 33.05
CA GLU C 294 10.01 -31.01 31.92
C GLU C 294 9.62 -29.73 31.17
N ALA C 295 9.70 -28.54 31.80
CA ALA C 295 9.34 -27.25 31.15
C ALA C 295 10.63 -26.53 30.78
N THR C 296 11.44 -27.14 29.92
CA THR C 296 12.80 -26.63 29.61
C THR C 296 13.12 -26.89 28.13
N PRO C 297 14.00 -26.08 27.53
CA PRO C 297 14.41 -26.30 26.14
C PRO C 297 14.92 -27.74 25.91
N GLN C 298 15.76 -28.26 26.80
CA GLN C 298 16.33 -29.62 26.56
C GLN C 298 15.21 -30.65 26.58
N ALA C 299 14.23 -30.51 27.49
CA ALA C 299 13.08 -31.44 27.51
C ALA C 299 12.29 -31.34 26.20
N LEU C 300 12.03 -30.12 25.74
CA LEU C 300 11.31 -29.88 24.48
C LEU C 300 12.10 -30.51 23.33
N TYR C 301 13.41 -30.29 23.27
CA TYR C 301 14.24 -30.86 22.17
C TYR C 301 14.14 -32.38 22.20
N LYS C 302 14.25 -32.98 23.37
CA LYS C 302 14.07 -34.45 23.48
C LYS C 302 12.68 -34.90 22.97
N ALA C 303 11.64 -34.17 23.32
CA ALA C 303 10.23 -34.54 23.04
C ALA C 303 9.96 -34.49 21.53
N VAL C 304 10.59 -33.56 20.82
CA VAL C 304 10.33 -33.40 19.35
C VAL C 304 11.37 -34.16 18.53
N GLY C 305 12.46 -34.69 19.11
CA GLY C 305 13.46 -35.44 18.36
C GLY C 305 14.58 -34.54 17.85
N GLY C 306 14.81 -33.42 18.50
CA GLY C 306 16.04 -32.65 18.30
C GLY C 306 15.79 -31.16 18.22
N LYS C 307 16.79 -30.39 18.62
CA LYS C 307 16.74 -28.91 18.59
C LYS C 307 16.40 -28.43 17.18
N ASP C 308 16.84 -29.13 16.14
CA ASP C 308 16.64 -28.69 14.74
C ASP C 308 15.16 -28.85 14.35
N LYS C 309 14.35 -29.52 15.15
CA LYS C 309 12.90 -29.66 14.86
C LYS C 309 12.13 -28.53 15.53
N VAL C 310 12.80 -27.66 16.29
CA VAL C 310 12.11 -26.48 16.90
C VAL C 310 12.40 -25.25 16.04
N TYR C 311 11.35 -24.55 15.59
CA TYR C 311 11.42 -23.22 14.97
C TYR C 311 11.10 -22.19 16.06
N ALA C 312 12.14 -21.64 16.68
CA ALA C 312 12.02 -20.58 17.69
C ALA C 312 11.79 -19.28 16.92
N ILE C 313 10.62 -18.69 17.04
CA ILE C 313 10.34 -17.39 16.39
C ILE C 313 11.31 -16.38 16.98
N PRO C 314 12.06 -15.63 16.15
CA PRO C 314 13.09 -14.75 16.70
C PRO C 314 12.51 -13.45 17.27
N VAL C 315 13.18 -12.93 18.30
CA VAL C 315 12.96 -11.56 18.83
C VAL C 315 13.78 -10.66 17.91
N SER C 316 13.16 -10.26 16.81
CA SER C 316 13.86 -9.62 15.67
C SER C 316 12.83 -8.76 14.95
N THR C 317 13.25 -7.63 14.41
CA THR C 317 12.37 -6.78 13.57
C THR C 317 11.96 -7.55 12.32
N GLU C 318 12.58 -8.67 11.98
CA GLU C 318 12.19 -9.38 10.74
C GLU C 318 10.76 -9.92 10.89
N ILE C 319 10.29 -10.20 12.12
CA ILE C 319 8.92 -10.73 12.28
C ILE C 319 7.87 -9.64 12.02
N LEU C 320 8.25 -8.36 11.92
CA LEU C 320 7.26 -7.27 11.67
C LEU C 320 6.75 -7.41 10.23
N LYS C 321 7.44 -8.17 9.39
CA LYS C 321 6.94 -8.49 8.03
C LYS C 321 5.56 -9.13 8.18
N ASN C 322 5.31 -9.88 9.26
CA ASN C 322 4.00 -10.55 9.47
C ASN C 322 2.87 -9.55 9.65
N LEU C 323 3.16 -8.29 10.00
CA LEU C 323 2.10 -7.26 10.18
C LEU C 323 1.94 -6.46 8.88
N ASP C 324 2.78 -6.69 7.87
CA ASP C 324 2.61 -6.06 6.54
C ASP C 324 1.25 -6.51 5.99
N PRO C 325 0.41 -5.60 5.44
CA PRO C 325 -0.88 -5.99 4.86
C PRO C 325 -0.83 -7.17 3.89
N ALA C 326 0.11 -7.19 2.94
CA ALA C 326 0.14 -8.25 1.90
C ALA C 326 0.45 -9.61 2.55
N GLU C 327 1.33 -9.60 3.55
CA GLU C 327 1.75 -10.85 4.21
C GLU C 327 0.60 -11.35 5.10
N ARG C 328 -0.02 -10.42 5.84
CA ARG C 328 -1.21 -10.73 6.70
C ARG C 328 -2.31 -11.30 5.80
N MET C 329 -2.54 -10.69 4.65
CA MET C 329 -3.74 -10.99 3.82
C MET C 329 -3.49 -12.31 3.11
N ARG C 330 -2.25 -12.65 2.77
CA ARG C 330 -1.96 -13.95 2.12
C ARG C 330 -2.33 -15.06 3.14
N PHE C 331 -1.85 -14.92 4.36
CA PHE C 331 -2.15 -15.92 5.42
C PHE C 331 -3.66 -15.94 5.70
N LEU C 332 -4.29 -14.81 5.98
CA LEU C 332 -5.71 -14.81 6.42
C LEU C 332 -6.64 -15.23 5.27
N THR C 333 -6.33 -14.92 4.01
CA THR C 333 -7.16 -15.40 2.88
C THR C 333 -7.10 -16.93 2.90
N PHE C 334 -5.89 -17.46 2.98
CA PHE C 334 -5.66 -18.93 2.99
C PHE C 334 -6.46 -19.53 4.16
N TRP C 335 -6.27 -18.97 5.34
CA TRP C 335 -6.89 -19.48 6.60
C TRP C 335 -8.42 -19.47 6.52
N ARG C 336 -9.01 -18.33 6.22
CA ARG C 336 -10.49 -18.17 6.17
C ARG C 336 -11.11 -19.17 5.19
N GLN C 337 -10.47 -19.39 4.05
CA GLN C 337 -10.96 -20.34 3.01
C GLN C 337 -10.82 -21.79 3.56
N ALA C 338 -9.70 -22.09 4.21
CA ALA C 338 -9.38 -23.48 4.63
C ALA C 338 -10.35 -23.89 5.75
N VAL C 339 -10.56 -23.02 6.75
CA VAL C 339 -11.30 -23.41 7.98
C VAL C 339 -12.81 -23.20 7.80
N ARG C 340 -13.21 -22.38 6.82
CA ARG C 340 -14.62 -22.12 6.43
C ARG C 340 -15.46 -23.40 6.57
MG MG D . -6.42 30.58 -0.56
C1 CIT E . -6.34 27.46 -0.42
O1 CIT E . -6.09 28.42 0.33
O2 CIT E . -5.45 26.73 -0.95
C2 CIT E . -7.81 27.19 -0.67
C3 CIT E . -8.73 28.42 -0.52
O7 CIT E . -8.27 29.44 -1.39
C4 CIT E . -10.17 27.97 -0.82
C5 CIT E . -10.48 27.73 -2.29
O3 CIT E . -11.20 26.79 -2.58
O4 CIT E . -9.95 28.45 -3.12
C6 CIT E . -8.69 28.99 0.93
O5 CIT E . -8.83 28.19 1.87
O6 CIT E . -8.56 30.25 1.05
CL CL F . 8.40 6.23 -6.73
CL CL G . 14.43 15.79 0.92
CL CL H . 18.30 24.49 -2.60
CL CL I . -17.52 31.39 2.73
C CO2 J . 9.52 17.12 14.72
O1 CO2 J . 10.09 16.36 14.07
O2 CO2 J . 9.09 18.07 15.22
C CO2 K . -14.91 21.33 -13.03
O1 CO2 K . -14.56 20.29 -13.46
O2 CO2 K . -15.03 22.44 -12.69
C1 GOL L . 8.68 39.92 -3.62
O1 GOL L . 9.31 40.46 -2.47
C2 GOL L . 7.93 41.02 -4.33
O2 GOL L . 8.76 41.58 -5.36
C3 GOL L . 6.62 40.52 -4.86
O3 GOL L . 5.88 39.87 -3.84
C1 GOL M . -6.37 36.15 0.92
O1 GOL M . -5.24 35.31 1.00
C2 GOL M . -7.64 35.34 1.08
O2 GOL M . -7.60 34.21 0.21
C3 GOL M . -7.84 34.90 2.51
O3 GOL M . -9.03 34.13 2.63
C1 GOL N . 2.23 39.26 3.47
O1 GOL N . 3.23 39.59 4.42
C2 GOL N . 2.10 40.37 2.46
O2 GOL N . 1.63 39.91 1.19
C3 GOL N . 1.22 41.45 3.01
O3 GOL N . 1.24 42.58 2.17
C1 EDO O . -16.88 23.53 -7.13
O1 EDO O . -15.87 24.48 -6.96
C2 EDO O . -17.14 22.79 -5.87
O2 EDO O . -16.41 21.60 -5.79
C1 EDO P . -1.99 39.37 -13.93
O1 EDO P . -0.88 39.43 -13.03
C2 EDO P . -3.09 40.31 -13.60
O2 EDO P . -4.25 39.69 -13.02
C1 EDO Q . -0.67 33.51 -22.25
O1 EDO Q . -0.77 32.80 -20.98
C2 EDO Q . 0.25 34.71 -22.20
O2 EDO Q . 0.71 35.12 -23.48
C1 EDO R . -8.04 10.32 -4.04
O1 EDO R . -6.88 9.69 -3.61
C2 EDO R . -8.48 11.22 -3.00
O2 EDO R . -9.79 11.36 -2.96
C1 EDO S . -0.05 10.07 19.25
O1 EDO S . 0.09 11.46 19.02
C2 EDO S . -1.47 9.66 19.20
O2 EDO S . -1.71 8.54 18.39
C1 EDO T . -17.29 5.41 1.75
O1 EDO T . -16.22 4.74 2.41
C2 EDO T . -18.12 4.49 0.94
O2 EDO T . -19.42 4.32 1.47
C1 EDO U . -6.06 22.07 -24.43
O1 EDO U . -4.94 22.85 -24.10
C2 EDO U . -7.16 22.86 -25.01
O2 EDO U . -6.77 24.22 -25.13
C 2OP V . 11.54 13.92 -0.68
O 2OP V . 11.69 13.89 0.58
CB 2OP V . 9.36 14.36 -1.75
OHN 2OP V . 9.64 12.41 -0.37
CA 2OP V . 10.30 13.27 -1.28
OXT 2OP V . 12.33 14.46 -1.50
MG MG W . 4.47 -8.35 -30.15
C1 CIT X . 3.53 -7.74 -27.21
O1 CIT X . 2.78 -6.80 -26.87
O2 CIT X . 3.28 -8.56 -28.11
C2 CIT X . 4.89 -7.82 -26.56
C3 CIT X . 6.00 -8.51 -27.37
O7 CIT X . 6.16 -7.79 -28.57
C4 CIT X . 7.29 -8.51 -26.56
C5 CIT X . 7.95 -7.16 -26.36
O3 CIT X . 8.43 -6.86 -25.27
O4 CIT X . 7.90 -6.38 -27.32
C6 CIT X . 5.62 -9.98 -27.69
O5 CIT X . 5.27 -10.70 -26.76
O6 CIT X . 5.74 -10.31 -28.87
CL CL Y . -13.58 6.75 -12.67
CL CL Z . -18.83 -0.82 -22.76
CL CL AA . -18.87 1.67 -32.67
CL CL BA . 13.65 -14.57 -27.08
C CO2 CA . -9.69 19.09 -36.97
O1 CO2 CA . -10.58 19.18 -36.22
O2 CO2 CA . -8.68 18.91 -37.54
C CO2 DA . 13.65 3.40 -20.49
O1 CO2 DA . 14.04 2.60 -21.26
O2 CO2 DA . 13.18 4.00 -19.59
C CO2 EA . 13.37 -0.45 -35.14
O1 CO2 EA . 12.77 -0.20 -36.10
O2 CO2 EA . 13.74 -0.69 -34.06
C CO2 FA . 9.91 15.95 -25.94
O1 CO2 FA . 8.77 15.81 -26.11
O2 CO2 FA . 10.98 16.27 -25.57
C1 GOL GA . 2.02 -14.45 -30.72
O1 GOL GA . 1.17 -13.86 -31.70
C2 GOL GA . 2.47 -15.83 -31.10
O2 GOL GA . 3.06 -15.80 -32.40
C3 GOL GA . 1.32 -16.83 -31.02
O3 GOL GA . 0.98 -17.34 -32.29
C1 GOL HA . -1.80 -3.00 -42.90
O1 GOL HA . -3.09 -3.60 -43.06
C2 GOL HA . -1.09 -2.80 -44.21
O2 GOL HA . 0.14 -2.07 -44.02
C3 GOL HA . -0.83 -4.07 -45.00
O3 GOL HA . 0.03 -5.02 -44.35
C1 EDO IA . -3.12 -24.95 -8.19
O1 EDO IA . -2.56 -25.10 -6.94
C2 EDO IA . -3.96 -26.06 -8.57
O2 EDO IA . -5.12 -25.65 -9.21
C1 EDO JA . 7.83 -9.49 -31.05
O1 EDO JA . 8.27 -8.92 -29.89
C2 EDO JA . 8.27 -8.60 -32.20
O2 EDO JA . 7.67 -8.90 -33.46
C1 EDO KA . 13.60 -4.37 -19.79
O1 EDO KA . 12.49 -3.84 -19.10
C2 EDO KA . 14.16 -3.41 -20.78
O2 EDO KA . 13.71 -3.64 -22.06
C1 EDO LA . 16.97 8.53 -35.36
O1 EDO LA . 16.53 7.19 -35.11
C2 EDO LA . 16.99 8.94 -36.78
O2 EDO LA . 15.87 9.72 -37.19
C1 EDO MA . 0.98 17.29 -23.69
O1 EDO MA . 1.88 16.44 -24.40
C2 EDO MA . 1.58 18.13 -22.61
O2 EDO MA . 0.81 19.26 -22.14
C1 EDO NA . 5.38 -35.58 -18.87
O1 EDO NA . 4.94 -36.84 -18.35
C2 EDO NA . 5.54 -35.62 -20.33
O2 EDO NA . 4.52 -36.37 -20.95
C1 PGO OA . -6.39 -8.17 -6.50
C2 PGO OA . -6.63 -9.65 -6.74
C3 PGO OA . -6.49 -10.47 -5.48
O1 PGO OA . -5.02 -7.85 -6.68
O2 PGO OA . -5.74 -10.11 -7.76
C 2OP PA . -16.26 0.20 -20.25
O 2OP PA . -16.84 -0.90 -20.04
CB 2OP PA . -13.83 0.55 -20.25
OHN 2OP PA . -14.91 -0.30 -18.27
CA 2OP PA . -15.06 0.58 -19.37
OXT 2OP PA . -16.56 1.04 -21.12
MG MG QA . -3.19 -15.35 28.87
C1 CIT RA . -1.18 -15.94 26.64
O1 CIT RA . -1.70 -16.51 27.63
O2 CIT RA . 0.05 -15.63 26.52
C2 CIT RA . -2.11 -15.60 25.48
C3 CIT RA . -3.61 -15.53 25.79
O7 CIT RA . -3.80 -14.52 26.77
C4 CIT RA . -4.35 -15.22 24.48
C5 CIT RA . -4.17 -13.80 23.98
O3 CIT RA . -4.09 -12.91 24.86
O4 CIT RA . -4.11 -13.59 22.72
C6 CIT RA . -4.16 -16.89 26.33
O5 CIT RA . -4.83 -16.84 27.39
O6 CIT RA . -3.93 -17.92 25.66
C1 GOL SA . -4.62 -21.27 32.52
O1 GOL SA . -3.46 -20.96 31.76
C2 GOL SA . -5.68 -21.83 31.60
O2 GOL SA . -6.94 -21.86 32.27
C3 GOL SA . -5.34 -23.21 31.08
O3 GOL SA . -5.18 -24.15 32.14
C1 GOL TA . -10.52 -44.16 16.47
O1 GOL TA . -11.23 -43.95 17.69
C2 GOL TA . -9.24 -43.37 16.43
O2 GOL TA . -8.76 -43.24 15.08
C3 GOL TA . -9.41 -42.01 17.05
O3 GOL TA . -10.62 -41.39 16.61
#